data_4AIH
#
_entry.id   4AIH
#
_cell.length_a   67.160
_cell.length_b   74.780
_cell.length_c   181.150
_cell.angle_alpha   90.00
_cell.angle_beta   90.00
_cell.angle_gamma   90.00
#
_symmetry.space_group_name_H-M   'P 21 21 21'
#
loop_
_entity.id
_entity.type
_entity.pdbx_description
1 polymer 'TRANSCRIPTIONAL REGULATOR SLYA'
2 water water
#
_entity_poly.entity_id   1
_entity_poly.type   'polypeptide(L)'
_entity_poly.pdbx_seq_one_letter_code
;MESTLGSDLARLVRVWRALIDHRLKPLELTQTHWVTLYNINRLPPEQSQIQLAKAIGIEQPSLVRTLDQLEEKGLITRHT
SANDRRAKRIKLTEQSSPIIEQVDGVISSTRKEILGGISSDEIAVLSGLIDKLEKNIIQLQTKLEHHHHHH
;
_entity_poly.pdbx_strand_id   A,B,C,D,E,F
#
# COMPACT_ATOMS: atom_id res chain seq x y z
N GLU A 2 -17.02 -28.12 -4.14
CA GLU A 2 -17.87 -26.99 -3.64
C GLU A 2 -17.28 -26.28 -2.41
N SER A 3 -16.90 -27.06 -1.40
CA SER A 3 -16.36 -26.48 -0.17
C SER A 3 -14.95 -25.88 -0.34
N THR A 4 -14.22 -26.28 -1.40
CA THR A 4 -12.85 -25.79 -1.65
C THR A 4 -12.76 -24.88 -2.88
N LEU A 5 -13.91 -24.54 -3.46
CA LEU A 5 -13.95 -23.81 -4.72
C LEU A 5 -13.28 -22.42 -4.64
N GLY A 6 -13.48 -21.71 -3.54
CA GLY A 6 -12.85 -20.42 -3.32
C GLY A 6 -11.33 -20.52 -3.29
N SER A 7 -10.83 -21.56 -2.62
CA SER A 7 -9.40 -21.85 -2.54
C SER A 7 -8.82 -22.25 -3.88
N ASP A 8 -9.55 -23.10 -4.58
CA ASP A 8 -9.10 -23.60 -5.86
C ASP A 8 -8.97 -22.43 -6.84
N LEU A 9 -9.82 -21.44 -6.67
CA LEU A 9 -9.81 -20.26 -7.54
C LEU A 9 -8.60 -19.38 -7.24
N ALA A 10 -8.34 -19.17 -5.94
CA ALA A 10 -7.16 -18.44 -5.45
C ALA A 10 -5.85 -19.09 -5.95
N ARG A 11 -5.71 -20.39 -5.71
CA ARG A 11 -4.55 -21.17 -6.12
C ARG A 11 -4.34 -21.10 -7.63
N LEU A 12 -5.43 -21.15 -8.41
CA LEU A 12 -5.32 -21.04 -9.86
C LEU A 12 -4.66 -19.72 -10.25
N VAL A 13 -5.17 -18.61 -9.71
CA VAL A 13 -4.61 -17.27 -9.96
C VAL A 13 -3.13 -17.20 -9.51
N ARG A 14 -2.85 -17.69 -8.30
CA ARG A 14 -1.49 -17.60 -7.72
C ARG A 14 -0.51 -18.33 -8.63
N VAL A 15 -0.95 -19.45 -9.13
CA VAL A 15 -0.10 -20.36 -9.88
C VAL A 15 0.04 -19.91 -11.34
N TRP A 16 -0.98 -19.22 -11.86
CA TRP A 16 -0.92 -18.63 -13.19
C TRP A 16 0.06 -17.49 -13.15
N ARG A 17 -0.09 -16.61 -12.15
CA ARG A 17 0.81 -15.46 -12.02
C ARG A 17 2.26 -15.85 -11.75
N ALA A 18 2.48 -16.85 -10.89
CA ALA A 18 3.82 -17.43 -10.66
C ALA A 18 4.54 -17.84 -11.96
N LEU A 19 3.81 -18.43 -12.89
CA LEU A 19 4.37 -18.84 -14.18
C LEU A 19 4.84 -17.62 -14.98
N ILE A 20 3.98 -16.62 -15.06
CA ILE A 20 4.34 -15.35 -15.69
C ILE A 20 5.60 -14.77 -15.06
N ASP A 21 5.69 -14.82 -13.72
CA ASP A 21 6.88 -14.38 -12.97
C ASP A 21 8.12 -15.09 -13.46
N HIS A 22 8.02 -16.41 -13.52
CA HIS A 22 9.12 -17.24 -14.00
C HIS A 22 9.54 -16.84 -15.40
N ARG A 23 8.57 -16.71 -16.31
CA ARG A 23 8.88 -16.33 -17.68
C ARG A 23 9.52 -14.95 -17.79
N LEU A 24 9.11 -14.03 -16.91
CA LEU A 24 9.65 -12.66 -16.90
C LEU A 24 10.91 -12.49 -16.04
N LYS A 25 11.38 -13.56 -15.39
CA LYS A 25 12.61 -13.55 -14.58
C LYS A 25 13.70 -12.56 -15.03
N PRO A 26 14.17 -12.67 -16.30
CA PRO A 26 15.29 -11.81 -16.77
C PRO A 26 15.11 -10.32 -16.48
N LEU A 27 13.88 -9.82 -16.55
CA LEU A 27 13.68 -8.36 -16.46
C LEU A 27 13.82 -7.81 -15.05
N GLU A 28 13.90 -8.70 -14.06
CA GLU A 28 14.10 -8.34 -12.64
C GLU A 28 13.01 -7.41 -12.09
N LEU A 29 11.78 -7.79 -12.37
CA LEU A 29 10.57 -7.07 -11.99
C LEU A 29 9.92 -7.79 -10.83
N THR A 30 9.10 -7.10 -10.04
CA THR A 30 8.29 -7.76 -9.02
C THR A 30 6.97 -8.09 -9.69
N GLN A 31 6.17 -8.95 -9.09
CA GLN A 31 4.88 -9.30 -9.67
C GLN A 31 3.97 -8.05 -9.69
N THR A 32 3.97 -7.29 -8.62
CA THR A 32 3.26 -6.01 -8.56
C THR A 32 3.69 -5.05 -9.69
N HIS A 33 4.97 -5.05 -10.03
CA HIS A 33 5.47 -4.21 -11.12
C HIS A 33 4.92 -4.58 -12.47
N TRP A 34 4.88 -5.88 -12.80
CA TRP A 34 4.47 -6.22 -14.15
C TRP A 34 2.97 -6.09 -14.33
N VAL A 35 2.22 -6.42 -13.28
CA VAL A 35 0.79 -6.25 -13.27
C VAL A 35 0.45 -4.75 -13.42
N THR A 36 1.15 -3.88 -12.68
CA THR A 36 0.95 -2.44 -12.79
C THR A 36 1.27 -1.90 -14.18
N LEU A 37 2.41 -2.31 -14.72
CA LEU A 37 2.88 -1.84 -16.01
C LEU A 37 1.92 -2.22 -17.13
N TYR A 38 1.40 -3.45 -17.06
CA TYR A 38 0.41 -3.95 -18.01
C TYR A 38 -0.87 -3.12 -17.91
N ASN A 39 -1.35 -2.89 -16.69
CA ASN A 39 -2.55 -2.06 -16.51
C ASN A 39 -2.36 -0.58 -16.90
N ILE A 40 -1.15 -0.02 -16.68
CA ILE A 40 -0.90 1.37 -17.10
C ILE A 40 -1.04 1.49 -18.62
N ASN A 41 -0.53 0.51 -19.33
CA ASN A 41 -0.46 0.53 -20.78
C ASN A 41 -1.83 0.24 -21.42
N ARG A 42 -2.68 -0.48 -20.69
CA ARG A 42 -3.99 -0.93 -21.18
C ARG A 42 -5.10 0.12 -20.93
N LEU A 43 -4.97 0.87 -19.84
CA LEU A 43 -6.01 1.81 -19.40
C LEU A 43 -6.08 3.05 -20.30
N PRO A 44 -7.29 3.61 -20.49
CA PRO A 44 -7.35 4.86 -21.25
C PRO A 44 -6.68 6.02 -20.53
N PRO A 45 -6.00 6.88 -21.30
CA PRO A 45 -5.31 8.12 -20.98
C PRO A 45 -5.81 8.95 -19.78
N GLU A 46 -7.07 9.39 -19.83
CA GLU A 46 -7.57 10.47 -18.96
C GLU A 46 -8.14 9.96 -17.63
N GLN A 47 -7.85 8.71 -17.33
CA GLN A 47 -8.51 8.00 -16.26
C GLN A 47 -7.78 8.16 -14.91
N SER A 48 -8.55 8.13 -13.82
CA SER A 48 -8.04 8.44 -12.48
C SER A 48 -7.26 7.30 -11.82
N GLN A 49 -6.43 7.68 -10.86
CA GLN A 49 -5.54 6.78 -10.17
C GLN A 49 -6.32 5.79 -9.30
N ILE A 50 -7.48 6.22 -8.79
CA ILE A 50 -8.44 5.32 -8.14
C ILE A 50 -8.80 4.20 -9.11
N GLN A 51 -9.05 4.59 -10.35
CA GLN A 51 -9.47 3.68 -11.41
C GLN A 51 -8.30 2.74 -11.80
N LEU A 52 -7.10 3.32 -11.97
CA LEU A 52 -5.91 2.49 -12.14
C LEU A 52 -5.75 1.44 -11.01
N ALA A 53 -6.04 1.84 -9.78
CA ALA A 53 -5.92 0.94 -8.64
C ALA A 53 -6.99 -0.14 -8.69
N LYS A 54 -8.21 0.26 -9.03
CA LYS A 54 -9.27 -0.70 -9.30
C LYS A 54 -8.90 -1.71 -10.40
N ALA A 55 -8.27 -1.28 -11.49
CA ALA A 55 -7.90 -2.23 -12.54
C ALA A 55 -6.87 -3.26 -12.06
N ILE A 56 -5.90 -2.78 -11.29
CA ILE A 56 -4.81 -3.62 -10.83
C ILE A 56 -5.28 -4.56 -9.73
N GLY A 57 -6.10 -4.03 -8.81
CA GLY A 57 -6.56 -4.82 -7.67
C GLY A 57 -5.68 -4.68 -6.44
N ILE A 58 -5.19 -3.46 -6.17
CA ILE A 58 -4.46 -3.18 -4.93
C ILE A 58 -4.98 -1.90 -4.32
N GLU A 59 -4.67 -1.67 -3.05
CA GLU A 59 -5.04 -0.43 -2.38
C GLU A 59 -4.17 0.75 -2.82
N GLN A 60 -4.72 1.95 -2.69
CA GLN A 60 -4.05 3.19 -3.05
C GLN A 60 -2.66 3.38 -2.42
N PRO A 61 -2.50 3.12 -1.10
CA PRO A 61 -1.14 3.28 -0.55
C PRO A 61 -0.11 2.37 -1.22
N SER A 62 -0.50 1.14 -1.52
CA SER A 62 0.38 0.24 -2.26
C SER A 62 0.61 0.73 -3.69
N LEU A 63 -0.41 1.29 -4.33
CA LEU A 63 -0.22 1.82 -5.69
C LEU A 63 0.79 2.97 -5.68
N VAL A 64 0.68 3.86 -4.69
CA VAL A 64 1.62 4.97 -4.58
C VAL A 64 3.08 4.48 -4.54
N ARG A 65 3.37 3.57 -3.60
CA ARG A 65 4.70 3.00 -3.42
C ARG A 65 5.21 2.37 -4.72
N THR A 66 4.33 1.61 -5.40
CA THR A 66 4.67 0.95 -6.67
C THR A 66 5.06 1.93 -7.77
N LEU A 67 4.29 2.99 -7.92
CA LEU A 67 4.60 4.06 -8.87
C LEU A 67 5.91 4.79 -8.54
N ASP A 68 6.14 5.08 -7.26
CA ASP A 68 7.43 5.64 -6.82
C ASP A 68 8.60 4.76 -7.31
N GLN A 69 8.49 3.44 -7.08
CA GLN A 69 9.53 2.47 -7.48
C GLN A 69 9.75 2.44 -8.98
N LEU A 70 8.65 2.48 -9.73
CA LEU A 70 8.70 2.45 -11.17
C LEU A 70 9.27 3.74 -11.74
N GLU A 71 8.93 4.88 -11.11
CA GLU A 71 9.53 6.15 -11.51
C GLU A 71 11.05 6.10 -11.30
N GLU A 72 11.45 5.64 -10.12
CA GLU A 72 12.87 5.42 -9.77
C GLU A 72 13.66 4.68 -10.83
N LYS A 73 13.02 3.68 -11.43
CA LYS A 73 13.67 2.85 -12.43
C LYS A 73 13.59 3.43 -13.84
N GLY A 74 13.01 4.63 -13.95
CA GLY A 74 12.90 5.32 -15.23
C GLY A 74 11.88 4.74 -16.20
N LEU A 75 10.95 3.94 -15.70
CA LEU A 75 9.90 3.35 -16.55
C LEU A 75 8.66 4.23 -16.74
N ILE A 76 8.36 5.10 -15.76
CA ILE A 76 7.24 6.06 -15.86
C ILE A 76 7.63 7.47 -15.46
N THR A 77 6.87 8.45 -15.91
CA THR A 77 6.97 9.81 -15.38
C THR A 77 5.61 10.21 -14.86
N ARG A 78 5.56 11.30 -14.11
CA ARG A 78 4.28 11.81 -13.63
C ARG A 78 4.12 13.29 -13.99
N HIS A 79 2.90 13.66 -14.35
CA HIS A 79 2.64 15.00 -14.89
C HIS A 79 1.33 15.59 -14.43
N THR A 80 1.35 16.90 -14.19
CA THR A 80 0.17 17.62 -13.81
C THR A 80 -0.71 17.65 -15.03
N SER A 81 -1.93 17.15 -14.88
CA SER A 81 -2.88 17.13 -16.01
C SER A 81 -3.91 18.23 -15.89
N ALA A 82 -4.52 18.58 -17.02
CA ALA A 82 -5.64 19.50 -17.05
C ALA A 82 -6.98 18.75 -16.86
N ASN A 83 -6.91 17.59 -16.23
CA ASN A 83 -8.10 16.81 -15.87
C ASN A 83 -8.25 16.59 -14.35
N ALA A 87 -5.00 16.03 -9.31
CA ALA A 87 -4.59 14.69 -9.73
C ALA A 87 -3.47 14.71 -10.79
N LYS A 88 -2.62 13.69 -10.75
CA LYS A 88 -1.39 13.61 -11.55
C LYS A 88 -1.49 12.51 -12.64
N ARG A 89 -0.95 12.75 -13.83
CA ARG A 89 -1.02 11.76 -14.94
C ARG A 89 0.23 10.89 -15.09
N ILE A 90 0.03 9.59 -15.29
CA ILE A 90 1.11 8.62 -15.43
C ILE A 90 1.46 8.36 -16.89
N LYS A 91 2.73 8.60 -17.25
CA LYS A 91 3.21 8.42 -18.61
C LYS A 91 4.33 7.38 -18.64
N LEU A 92 4.21 6.37 -19.52
CA LEU A 92 5.30 5.40 -19.74
C LEU A 92 6.46 6.06 -20.48
N THR A 93 7.70 5.68 -20.18
CA THR A 93 8.86 6.25 -20.89
C THR A 93 9.25 5.46 -22.15
N GLU A 94 10.06 6.08 -23.00
CA GLU A 94 10.68 5.40 -24.14
C GLU A 94 11.46 4.20 -23.65
N GLN A 95 12.25 4.41 -22.62
CA GLN A 95 12.96 3.34 -21.92
C GLN A 95 12.07 2.12 -21.59
N SER A 96 10.81 2.36 -21.23
CA SER A 96 9.88 1.25 -20.92
C SER A 96 9.38 0.48 -22.16
N SER A 97 9.44 1.12 -23.32
CA SER A 97 8.94 0.52 -24.55
C SER A 97 9.26 -0.99 -24.69
N PRO A 98 10.56 -1.41 -24.62
CA PRO A 98 10.82 -2.85 -24.82
C PRO A 98 10.29 -3.75 -23.71
N ILE A 99 10.28 -3.24 -22.47
CA ILE A 99 9.78 -4.00 -21.33
C ILE A 99 8.26 -4.22 -21.44
N ILE A 100 7.52 -3.17 -21.80
CA ILE A 100 6.08 -3.26 -21.97
C ILE A 100 5.70 -4.33 -23.01
N GLU A 101 6.36 -4.29 -24.16
CA GLU A 101 6.08 -5.30 -25.17
C GLU A 101 6.41 -6.72 -24.68
N GLN A 102 7.52 -6.88 -23.94
CA GLN A 102 7.84 -8.18 -23.36
C GLN A 102 6.80 -8.66 -22.35
N VAL A 103 6.43 -7.78 -21.43
CA VAL A 103 5.35 -8.05 -20.48
C VAL A 103 4.05 -8.43 -21.20
N ASP A 104 3.63 -7.60 -22.15
CA ASP A 104 2.40 -7.87 -22.92
C ASP A 104 2.46 -9.19 -23.66
N GLY A 105 3.59 -9.46 -24.31
CA GLY A 105 3.78 -10.66 -25.11
C GLY A 105 3.68 -11.95 -24.32
N VAL A 106 4.25 -11.95 -23.11
CA VAL A 106 4.22 -13.12 -22.24
C VAL A 106 2.82 -13.33 -21.67
N ILE A 107 2.18 -12.27 -21.22
CA ILE A 107 0.84 -12.38 -20.66
C ILE A 107 -0.06 -12.99 -21.72
N SER A 108 0.00 -12.41 -22.92
CA SER A 108 -0.88 -12.77 -24.01
C SER A 108 -0.71 -14.21 -24.49
N SER A 109 0.52 -14.71 -24.56
CA SER A 109 0.72 -16.07 -25.07
C SER A 109 0.73 -17.12 -23.96
N THR A 110 0.95 -16.67 -22.72
CA THR A 110 0.76 -17.56 -21.58
C THR A 110 -0.70 -17.93 -21.48
N ARG A 111 -1.58 -16.97 -21.75
CA ARG A 111 -3.02 -17.20 -21.67
C ARG A 111 -3.42 -18.20 -22.75
N LYS A 112 -2.86 -18.04 -23.95
CA LYS A 112 -3.19 -18.93 -25.06
C LYS A 112 -2.77 -20.37 -24.77
N GLU A 113 -1.56 -20.58 -24.24
CA GLU A 113 -1.11 -21.93 -23.89
C GLU A 113 -1.98 -22.57 -22.81
N ILE A 114 -2.26 -21.81 -21.75
CA ILE A 114 -3.10 -22.29 -20.66
C ILE A 114 -4.50 -22.64 -21.17
N LEU A 115 -5.04 -21.81 -22.06
CA LEU A 115 -6.34 -22.06 -22.68
C LEU A 115 -6.27 -23.17 -23.71
N GLY A 116 -5.06 -23.51 -24.13
CA GLY A 116 -4.82 -24.50 -25.18
C GLY A 116 -5.46 -25.85 -24.93
N GLY A 117 -5.55 -26.25 -23.66
CA GLY A 117 -6.16 -27.52 -23.28
C GLY A 117 -7.65 -27.59 -23.56
N ILE A 118 -8.35 -26.48 -23.34
CA ILE A 118 -9.81 -26.46 -23.36
C ILE A 118 -10.42 -25.77 -24.59
N SER A 119 -11.71 -26.02 -24.82
CA SER A 119 -12.42 -25.47 -25.99
C SER A 119 -13.05 -24.10 -25.71
N SER A 120 -13.34 -23.37 -26.78
CA SER A 120 -13.98 -22.06 -26.65
C SER A 120 -15.40 -22.19 -26.11
N ASP A 121 -16.05 -23.32 -26.38
CA ASP A 121 -17.36 -23.63 -25.81
C ASP A 121 -17.22 -23.80 -24.29
N GLU A 122 -16.08 -24.32 -23.86
CA GLU A 122 -15.80 -24.52 -22.44
C GLU A 122 -15.44 -23.21 -21.69
N ILE A 123 -14.68 -22.31 -22.32
CA ILE A 123 -14.36 -21.02 -21.69
C ILE A 123 -15.59 -20.13 -21.61
N ALA A 124 -16.46 -20.20 -22.62
CA ALA A 124 -17.74 -19.50 -22.58
C ALA A 124 -18.50 -19.83 -21.30
N VAL A 125 -18.63 -21.12 -20.99
CA VAL A 125 -19.34 -21.50 -19.76
C VAL A 125 -18.55 -21.07 -18.52
N LEU A 126 -17.23 -21.13 -18.61
CA LEU A 126 -16.41 -20.62 -17.52
C LEU A 126 -16.56 -19.10 -17.29
N SER A 127 -16.48 -18.27 -18.34
CA SER A 127 -16.67 -16.82 -18.18
C SER A 127 -18.03 -16.55 -17.56
N GLY A 128 -19.08 -17.16 -18.12
CA GLY A 128 -20.44 -16.97 -17.61
C GLY A 128 -20.55 -17.26 -16.12
N LEU A 129 -19.93 -18.35 -15.68
CA LEU A 129 -19.97 -18.73 -14.25
C LEU A 129 -19.15 -17.81 -13.34
N ILE A 130 -18.00 -17.35 -13.82
CA ILE A 130 -17.17 -16.42 -13.06
C ILE A 130 -17.94 -15.11 -12.83
N ASP A 131 -18.63 -14.67 -13.90
CA ASP A 131 -19.42 -13.44 -13.90
C ASP A 131 -20.58 -13.57 -12.93
N LYS A 132 -21.26 -14.72 -12.98
CA LYS A 132 -22.36 -15.07 -12.07
C LYS A 132 -21.96 -14.97 -10.58
N LEU A 133 -20.83 -15.59 -10.23
CA LEU A 133 -20.29 -15.56 -8.87
C LEU A 133 -19.97 -14.13 -8.44
N GLU A 134 -19.33 -13.38 -9.34
CA GLU A 134 -18.98 -11.99 -9.05
C GLU A 134 -20.25 -11.19 -8.74
N LYS A 135 -21.24 -11.27 -9.62
CA LYS A 135 -22.52 -10.57 -9.39
C LYS A 135 -23.03 -10.86 -7.99
N ASN A 136 -23.00 -12.14 -7.61
CA ASN A 136 -23.47 -12.55 -6.30
C ASN A 136 -22.73 -11.88 -5.16
N ILE A 137 -21.41 -11.74 -5.31
CA ILE A 137 -20.58 -11.19 -4.25
C ILE A 137 -20.82 -9.68 -4.13
N ILE A 138 -20.84 -8.98 -5.27
CA ILE A 138 -21.13 -7.55 -5.31
C ILE A 138 -22.45 -7.24 -4.60
N GLN A 139 -23.52 -7.92 -5.02
CA GLN A 139 -24.82 -7.85 -4.37
C GLN A 139 -24.75 -7.98 -2.85
N LEU A 140 -24.05 -8.99 -2.36
CA LEU A 140 -23.98 -9.26 -0.92
C LEU A 140 -23.16 -8.22 -0.15
N GLN A 141 -22.12 -7.68 -0.80
CA GLN A 141 -21.24 -6.68 -0.17
C GLN A 141 -21.96 -5.35 -0.06
N THR A 142 -22.83 -5.09 -1.04
CA THR A 142 -23.74 -3.96 -1.03
C THR A 142 -24.72 -4.07 0.16
N LYS A 143 -25.14 -5.30 0.47
CA LYS A 143 -25.99 -5.52 1.64
C LYS A 143 -25.15 -5.79 2.89
N GLU B 2 -13.24 -13.79 -22.56
CA GLU B 2 -12.27 -14.74 -23.18
C GLU B 2 -10.83 -14.26 -23.04
N SER B 3 -10.50 -13.19 -23.77
CA SER B 3 -9.21 -12.53 -23.65
C SER B 3 -9.04 -11.75 -22.33
N THR B 4 -10.09 -11.69 -21.51
CA THR B 4 -10.04 -11.10 -20.17
C THR B 4 -10.31 -12.18 -19.09
N LEU B 5 -10.14 -13.45 -19.45
CA LEU B 5 -10.29 -14.55 -18.51
C LEU B 5 -9.39 -14.48 -17.27
N GLY B 6 -8.11 -14.18 -17.47
CA GLY B 6 -7.15 -14.09 -16.37
C GLY B 6 -7.56 -12.99 -15.42
N SER B 7 -7.85 -11.82 -15.98
CA SER B 7 -8.28 -10.67 -15.19
C SER B 7 -9.56 -10.88 -14.43
N ASP B 8 -10.55 -11.46 -15.10
CA ASP B 8 -11.82 -11.75 -14.50
C ASP B 8 -11.64 -12.65 -13.28
N LEU B 9 -10.78 -13.68 -13.41
CA LEU B 9 -10.53 -14.64 -12.33
C LEU B 9 -9.89 -13.96 -11.14
N ALA B 10 -8.87 -13.14 -11.42
CA ALA B 10 -8.18 -12.39 -10.38
C ALA B 10 -9.16 -11.41 -9.67
N ARG B 11 -10.02 -10.72 -10.43
CA ARG B 11 -11.03 -9.89 -9.77
C ARG B 11 -11.95 -10.73 -8.84
N LEU B 12 -12.40 -11.87 -9.33
CA LEU B 12 -13.30 -12.71 -8.55
C LEU B 12 -12.68 -13.06 -7.20
N VAL B 13 -11.47 -13.61 -7.21
CA VAL B 13 -10.80 -14.02 -5.99
C VAL B 13 -10.66 -12.83 -5.02
N ARG B 14 -10.24 -11.70 -5.56
CA ARG B 14 -10.14 -10.45 -4.83
C ARG B 14 -11.45 -10.00 -4.14
N VAL B 15 -12.59 -9.97 -4.83
CA VAL B 15 -13.85 -9.48 -4.19
C VAL B 15 -14.42 -10.53 -3.25
N TRP B 16 -14.19 -11.80 -3.58
CA TRP B 16 -14.55 -12.88 -2.72
C TRP B 16 -13.85 -12.67 -1.41
N ARG B 17 -12.55 -12.40 -1.47
CA ARG B 17 -11.77 -12.20 -0.26
C ARG B 17 -12.13 -10.95 0.56
N ALA B 18 -12.45 -9.85 -0.12
CA ALA B 18 -12.88 -8.64 0.58
C ALA B 18 -14.16 -8.90 1.37
N LEU B 19 -15.04 -9.74 0.82
CA LEU B 19 -16.36 -9.99 1.44
C LEU B 19 -16.16 -10.74 2.76
N ILE B 20 -15.28 -11.75 2.69
CA ILE B 20 -14.91 -12.53 3.86
C ILE B 20 -14.22 -11.66 4.90
N ASP B 21 -13.29 -10.79 4.45
CA ASP B 21 -12.67 -9.81 5.35
C ASP B 21 -13.75 -9.00 6.03
N HIS B 22 -14.70 -8.51 5.23
CA HIS B 22 -15.78 -7.70 5.77
C HIS B 22 -16.57 -8.47 6.78
N ARG B 23 -16.88 -9.74 6.46
CA ARG B 23 -17.73 -10.51 7.34
C ARG B 23 -17.04 -11.01 8.61
N LEU B 24 -15.71 -11.13 8.57
CA LEU B 24 -14.96 -11.59 9.74
C LEU B 24 -14.60 -10.48 10.73
N LYS B 25 -14.91 -9.24 10.35
CA LYS B 25 -14.49 -8.09 11.11
C LYS B 25 -15.04 -8.04 12.55
N PRO B 26 -16.29 -8.50 12.77
CA PRO B 26 -16.79 -8.56 14.15
C PRO B 26 -15.91 -9.39 15.05
N LEU B 27 -15.18 -10.34 14.45
CA LEU B 27 -14.30 -11.21 15.20
C LEU B 27 -12.86 -10.70 15.22
N GLU B 28 -12.59 -9.63 14.48
CA GLU B 28 -11.25 -9.08 14.30
C GLU B 28 -10.27 -10.06 13.69
N LEU B 29 -10.72 -10.77 12.67
CA LEU B 29 -9.88 -11.71 11.97
C LEU B 29 -9.98 -11.39 10.50
N THR B 30 -8.96 -11.77 9.74
CA THR B 30 -9.05 -11.66 8.29
C THR B 30 -9.15 -13.02 7.64
N GLN B 31 -9.40 -12.99 6.34
CA GLN B 31 -9.39 -14.18 5.55
C GLN B 31 -8.00 -14.86 5.62
N THR B 32 -6.95 -14.04 5.63
CA THR B 32 -5.59 -14.53 5.82
C THR B 32 -5.45 -15.27 7.15
N HIS B 33 -5.94 -14.69 8.25
CA HIS B 33 -5.93 -15.41 9.55
C HIS B 33 -6.61 -16.76 9.44
N TRP B 34 -7.74 -16.79 8.73
CA TRP B 34 -8.55 -17.98 8.59
C TRP B 34 -7.86 -19.10 7.83
N VAL B 35 -7.25 -18.76 6.68
CA VAL B 35 -6.56 -19.72 5.84
C VAL B 35 -5.44 -20.40 6.62
N THR B 36 -4.74 -19.61 7.44
CA THR B 36 -3.71 -20.14 8.31
C THR B 36 -4.28 -21.10 9.35
N LEU B 37 -5.36 -20.69 10.02
CA LEU B 37 -5.95 -21.53 11.07
C LEU B 37 -6.51 -22.84 10.51
N TYR B 38 -7.15 -22.74 9.35
CA TYR B 38 -7.77 -23.87 8.71
C TYR B 38 -6.69 -24.92 8.37
N ASN B 39 -5.59 -24.46 7.76
CA ASN B 39 -4.45 -25.33 7.50
C ASN B 39 -3.78 -25.96 8.71
N ILE B 40 -3.50 -25.14 9.74
CA ILE B 40 -2.99 -25.68 10.99
C ILE B 40 -3.95 -26.77 11.49
N ASN B 41 -5.24 -26.46 11.48
CA ASN B 41 -6.24 -27.37 12.04
C ASN B 41 -6.34 -28.70 11.29
N ARG B 42 -6.15 -28.70 9.98
CA ARG B 42 -6.27 -29.93 9.19
C ARG B 42 -4.98 -30.79 9.19
N LEU B 43 -3.88 -30.23 9.68
CA LEU B 43 -2.59 -30.92 9.72
C LEU B 43 -2.33 -31.50 11.10
N PRO B 44 -1.43 -32.51 11.19
CA PRO B 44 -0.98 -32.94 12.50
C PRO B 44 -0.34 -31.77 13.25
N PRO B 45 -0.51 -31.71 14.58
CA PRO B 45 0.04 -30.64 15.42
C PRO B 45 1.55 -30.57 15.33
N GLU B 46 2.10 -29.36 15.42
CA GLU B 46 3.56 -29.11 15.57
C GLU B 46 4.32 -29.10 14.26
N GLN B 47 3.65 -28.66 13.20
CA GLN B 47 4.28 -28.30 11.95
C GLN B 47 5.24 -27.15 12.22
N SER B 48 6.33 -27.08 11.45
CA SER B 48 7.25 -25.97 11.55
C SER B 48 6.70 -24.87 10.69
N GLN B 49 7.18 -23.64 10.87
CA GLN B 49 6.78 -22.51 10.03
C GLN B 49 6.99 -22.80 8.54
N ILE B 50 8.13 -23.41 8.20
CA ILE B 50 8.43 -23.83 6.82
C ILE B 50 7.41 -24.81 6.25
N GLN B 51 7.07 -25.83 7.04
CA GLN B 51 6.06 -26.81 6.65
C GLN B 51 4.69 -26.18 6.40
N LEU B 52 4.29 -25.25 7.28
CA LEU B 52 3.02 -24.53 7.14
C LEU B 52 2.95 -23.64 5.90
N ALA B 53 4.01 -22.90 5.64
CA ALA B 53 4.10 -22.06 4.44
C ALA B 53 3.99 -22.92 3.18
N LYS B 54 4.65 -24.07 3.19
CA LYS B 54 4.51 -25.04 2.11
C LYS B 54 3.05 -25.50 1.89
N ALA B 55 2.37 -25.91 2.97
CA ALA B 55 1.01 -26.43 2.86
C ALA B 55 0.01 -25.34 2.46
N ILE B 56 0.17 -24.14 3.01
CA ILE B 56 -0.65 -23.01 2.65
C ILE B 56 -0.35 -22.55 1.24
N GLY B 57 0.93 -22.55 0.86
CA GLY B 57 1.33 -22.11 -0.47
C GLY B 57 1.84 -20.68 -0.58
N ILE B 58 2.41 -20.17 0.51
CA ILE B 58 2.93 -18.82 0.53
C ILE B 58 4.36 -18.81 1.09
N GLU B 59 4.99 -17.64 1.04
CA GLU B 59 6.34 -17.49 1.59
C GLU B 59 6.30 -17.19 3.09
N GLN B 60 7.41 -17.48 3.74
CA GLN B 60 7.50 -17.48 5.21
C GLN B 60 7.23 -16.13 5.92
N PRO B 61 7.87 -15.02 5.48
CA PRO B 61 7.67 -13.74 6.19
C PRO B 61 6.18 -13.37 6.34
N SER B 62 5.41 -13.52 5.27
CA SER B 62 3.99 -13.22 5.36
C SER B 62 3.30 -14.09 6.42
N LEU B 63 3.64 -15.38 6.43
CA LEU B 63 3.10 -16.30 7.40
C LEU B 63 3.54 -15.96 8.84
N VAL B 64 4.78 -15.51 9.00
CA VAL B 64 5.32 -15.23 10.34
C VAL B 64 4.54 -14.09 10.99
N ARG B 65 4.26 -13.06 10.20
CA ARG B 65 3.45 -11.93 10.63
C ARG B 65 2.08 -12.43 11.10
N THR B 66 1.48 -13.31 10.30
CA THR B 66 0.18 -13.91 10.60
C THR B 66 0.23 -14.75 11.89
N LEU B 67 1.28 -15.56 12.04
CA LEU B 67 1.43 -16.34 13.25
C LEU B 67 1.57 -15.45 14.50
N ASP B 68 2.36 -14.38 14.37
CA ASP B 68 2.52 -13.37 15.43
C ASP B 68 1.16 -12.85 15.91
N GLN B 69 0.30 -12.53 14.96
CA GLN B 69 -1.00 -11.97 15.28
C GLN B 69 -1.87 -12.99 15.98
N LEU B 70 -1.84 -14.24 15.51
CA LEU B 70 -2.66 -15.32 16.07
C LEU B 70 -2.21 -15.70 17.48
N GLU B 71 -0.90 -15.65 17.71
CA GLU B 71 -0.30 -15.86 19.03
C GLU B 71 -0.71 -14.78 20.05
N GLU B 72 -0.77 -13.53 19.60
CA GLU B 72 -1.14 -12.41 20.47
C GLU B 72 -2.62 -12.48 20.85
N LYS B 73 -3.41 -13.04 19.95
CA LYS B 73 -4.83 -13.28 20.18
C LYS B 73 -5.08 -14.55 21.01
N GLY B 74 -4.00 -15.25 21.38
CA GLY B 74 -4.09 -16.49 22.16
C GLY B 74 -4.73 -17.67 21.43
N LEU B 75 -4.59 -17.71 20.10
CA LEU B 75 -5.13 -18.81 19.28
C LEU B 75 -4.11 -19.94 18.99
N ILE B 76 -2.84 -19.59 18.96
CA ILE B 76 -1.75 -20.56 18.80
C ILE B 76 -0.60 -20.27 19.79
N THR B 77 0.25 -21.28 20.01
CA THR B 77 1.58 -21.08 20.63
C THR B 77 2.66 -21.62 19.70
N ARG B 78 3.90 -21.18 19.95
CA ARG B 78 5.11 -21.59 19.24
C ARG B 78 6.15 -22.12 20.22
N HIS B 79 6.84 -23.20 19.85
CA HIS B 79 7.78 -23.88 20.74
C HIS B 79 9.06 -24.20 20.01
N THR B 80 10.14 -24.40 20.77
CA THR B 80 11.44 -24.84 20.23
C THR B 80 12.13 -25.84 21.17
N ALA B 87 13.79 -24.97 14.83
CA ALA B 87 12.49 -24.66 14.23
C ALA B 87 11.50 -24.12 15.26
N LYS B 88 10.59 -23.25 14.82
CA LYS B 88 9.43 -22.89 15.64
C LYS B 88 8.25 -23.76 15.20
N ARG B 89 7.75 -24.55 16.13
CA ARG B 89 6.68 -25.51 15.86
C ARG B 89 5.35 -25.00 16.43
N ILE B 90 4.28 -25.13 15.64
CA ILE B 90 3.03 -24.47 15.93
C ILE B 90 1.93 -25.39 16.53
N LYS B 91 1.23 -24.86 17.53
CA LYS B 91 0.20 -25.63 18.22
C LYS B 91 -1.05 -24.76 18.40
N LEU B 92 -2.23 -25.32 18.14
CA LEU B 92 -3.49 -24.62 18.45
C LEU B 92 -3.74 -24.64 19.96
N THR B 93 -4.29 -23.55 20.49
CA THR B 93 -4.73 -23.52 21.90
C THR B 93 -6.17 -24.03 22.02
N GLU B 94 -6.60 -24.35 23.24
CA GLU B 94 -7.98 -24.78 23.44
C GLU B 94 -8.99 -23.65 23.17
N GLN B 95 -8.56 -22.40 23.35
CA GLN B 95 -9.39 -21.25 23.05
C GLN B 95 -9.68 -21.12 21.54
N SER B 96 -8.86 -21.77 20.72
CA SER B 96 -8.95 -21.60 19.27
C SER B 96 -10.09 -22.42 18.68
N SER B 97 -10.56 -23.40 19.43
CA SER B 97 -11.56 -24.31 18.90
C SER B 97 -12.96 -23.69 18.67
N PRO B 98 -13.48 -22.90 19.62
CA PRO B 98 -14.71 -22.19 19.31
C PRO B 98 -14.55 -21.11 18.23
N ILE B 99 -13.42 -20.40 18.23
CA ILE B 99 -13.17 -19.35 17.25
C ILE B 99 -13.20 -19.95 15.83
N ILE B 100 -12.57 -21.12 15.68
CA ILE B 100 -12.55 -21.82 14.38
C ILE B 100 -13.97 -22.25 13.93
N GLU B 101 -14.79 -22.78 14.84
CA GLU B 101 -16.19 -23.12 14.47
C GLU B 101 -16.94 -21.86 14.01
N GLN B 102 -16.77 -20.76 14.74
CA GLN B 102 -17.38 -19.48 14.39
C GLN B 102 -16.94 -18.94 13.04
N VAL B 103 -15.65 -19.02 12.76
CA VAL B 103 -15.11 -18.51 11.50
C VAL B 103 -15.62 -19.42 10.38
N ASP B 104 -15.57 -20.72 10.63
CA ASP B 104 -16.09 -21.67 9.67
C ASP B 104 -17.60 -21.50 9.37
N GLY B 105 -18.39 -21.11 10.37
CA GLY B 105 -19.81 -20.74 10.16
C GLY B 105 -20.04 -19.61 9.16
N VAL B 106 -19.25 -18.55 9.29
CA VAL B 106 -19.31 -17.42 8.36
C VAL B 106 -18.81 -17.84 6.96
N ILE B 107 -17.71 -18.59 6.92
CA ILE B 107 -17.07 -18.92 5.66
C ILE B 107 -18.07 -19.73 4.83
N SER B 108 -18.55 -20.81 5.44
CA SER B 108 -19.36 -21.75 4.72
C SER B 108 -20.77 -21.19 4.47
N SER B 109 -21.25 -20.34 5.37
CA SER B 109 -22.54 -19.70 5.14
C SER B 109 -22.50 -18.56 4.08
N THR B 110 -21.37 -17.84 3.98
CA THR B 110 -21.14 -16.86 2.91
C THR B 110 -21.00 -17.58 1.56
N ARG B 111 -20.33 -18.73 1.59
CA ARG B 111 -20.18 -19.56 0.43
C ARG B 111 -21.54 -19.95 -0.15
N LYS B 112 -22.44 -20.43 0.72
CA LYS B 112 -23.79 -20.86 0.30
C LYS B 112 -24.53 -19.75 -0.43
N GLU B 113 -24.32 -18.51 0.01
CA GLU B 113 -24.92 -17.34 -0.63
C GLU B 113 -24.21 -16.96 -1.93
N ILE B 114 -22.88 -17.03 -1.96
CA ILE B 114 -22.17 -16.78 -3.20
C ILE B 114 -22.56 -17.80 -4.26
N LEU B 115 -22.79 -19.05 -3.86
CA LEU B 115 -23.23 -20.07 -4.81
C LEU B 115 -24.75 -20.09 -4.97
N GLY B 116 -25.42 -19.06 -4.47
CA GLY B 116 -26.85 -18.90 -4.59
C GLY B 116 -27.28 -18.94 -6.04
N GLY B 117 -28.23 -19.82 -6.35
CA GLY B 117 -28.89 -19.81 -7.66
C GLY B 117 -28.11 -20.43 -8.80
N ILE B 118 -26.99 -21.09 -8.49
CA ILE B 118 -26.26 -21.83 -9.52
C ILE B 118 -26.36 -23.34 -9.25
N SER B 119 -26.48 -24.13 -10.31
CA SER B 119 -26.79 -25.55 -10.17
C SER B 119 -25.56 -26.34 -9.69
N SER B 120 -25.79 -27.56 -9.22
CA SER B 120 -24.65 -28.39 -8.85
C SER B 120 -23.91 -28.92 -10.07
N ASP B 121 -24.59 -29.02 -11.21
CA ASP B 121 -23.90 -29.28 -12.49
C ASP B 121 -22.90 -28.17 -12.79
N GLU B 122 -23.31 -26.92 -12.60
CA GLU B 122 -22.45 -25.79 -12.85
C GLU B 122 -21.21 -25.80 -11.96
N ILE B 123 -21.41 -26.06 -10.66
CA ILE B 123 -20.31 -26.15 -9.70
C ILE B 123 -19.35 -27.26 -10.12
N ALA B 124 -19.88 -28.42 -10.55
CA ALA B 124 -19.02 -29.51 -10.99
C ALA B 124 -18.27 -29.16 -12.27
N VAL B 125 -18.95 -28.53 -13.21
CA VAL B 125 -18.27 -28.13 -14.43
C VAL B 125 -17.22 -27.06 -14.12
N LEU B 126 -17.55 -26.11 -13.25
CA LEU B 126 -16.59 -25.08 -12.82
C LEU B 126 -15.31 -25.69 -12.20
N SER B 127 -15.49 -26.66 -11.29
CA SER B 127 -14.37 -27.36 -10.65
C SER B 127 -13.49 -28.14 -11.61
N GLY B 128 -14.13 -28.87 -12.54
CA GLY B 128 -13.40 -29.56 -13.60
C GLY B 128 -12.51 -28.64 -14.42
N LEU B 129 -13.03 -27.46 -14.76
CA LEU B 129 -12.31 -26.54 -15.65
C LEU B 129 -11.12 -25.87 -14.96
N ILE B 130 -11.29 -25.52 -13.70
CA ILE B 130 -10.24 -24.97 -12.86
C ILE B 130 -9.11 -25.98 -12.68
N ASP B 131 -9.49 -27.22 -12.38
CA ASP B 131 -8.54 -28.30 -12.23
C ASP B 131 -7.72 -28.53 -13.49
N LYS B 132 -8.38 -28.50 -14.64
CA LYS B 132 -7.67 -28.71 -15.90
C LYS B 132 -6.68 -27.58 -16.16
N LEU B 133 -7.13 -26.34 -15.93
CA LEU B 133 -6.25 -25.20 -16.13
C LEU B 133 -5.02 -25.24 -15.23
N GLU B 134 -5.22 -25.60 -13.97
CA GLU B 134 -4.11 -25.69 -13.03
C GLU B 134 -3.11 -26.75 -13.50
N LYS B 135 -3.61 -27.90 -13.95
CA LYS B 135 -2.75 -28.98 -14.46
C LYS B 135 -1.91 -28.55 -15.66
N ASN B 136 -2.53 -27.86 -16.62
CA ASN B 136 -1.76 -27.34 -17.75
C ASN B 136 -0.67 -26.39 -17.27
N ILE B 137 -0.97 -25.57 -16.27
CA ILE B 137 0.02 -24.61 -15.77
C ILE B 137 1.19 -25.28 -15.08
N ILE B 138 0.93 -26.35 -14.32
CA ILE B 138 2.03 -27.06 -13.66
C ILE B 138 2.88 -27.90 -14.62
N GLN B 139 2.31 -28.22 -15.80
CA GLN B 139 3.07 -28.84 -16.89
C GLN B 139 4.04 -27.82 -17.46
N LEU B 140 3.55 -26.60 -17.68
CA LEU B 140 4.37 -25.54 -18.29
C LEU B 140 5.53 -25.08 -17.40
N GLN B 141 5.35 -25.14 -16.08
CA GLN B 141 6.44 -24.82 -15.18
C GLN B 141 7.58 -25.85 -15.18
N THR B 142 7.60 -26.72 -16.20
CA THR B 142 8.71 -27.65 -16.40
C THR B 142 8.91 -28.02 -17.86
N SER C 3 -40.90 33.55 16.31
CA SER C 3 -40.79 32.69 15.08
C SER C 3 -39.70 31.63 15.20
N THR C 4 -39.90 30.51 14.51
CA THR C 4 -39.02 29.35 14.65
C THR C 4 -38.24 28.99 13.38
N LEU C 5 -38.35 29.81 12.35
CA LEU C 5 -37.68 29.55 11.07
C LEU C 5 -36.19 29.37 11.24
N GLY C 6 -35.54 30.34 11.89
CA GLY C 6 -34.14 30.24 12.26
C GLY C 6 -33.80 28.91 12.91
N SER C 7 -34.63 28.50 13.88
CA SER C 7 -34.47 27.26 14.64
C SER C 7 -34.72 26.04 13.78
N ASP C 8 -35.74 26.14 12.94
CA ASP C 8 -36.09 25.08 12.02
C ASP C 8 -34.92 24.80 11.05
N LEU C 9 -34.29 25.87 10.57
CA LEU C 9 -33.16 25.77 9.64
C LEU C 9 -31.97 25.12 10.32
N ALA C 10 -31.61 25.63 11.50
CA ALA C 10 -30.56 25.04 12.34
C ALA C 10 -30.81 23.57 12.64
N ARG C 11 -32.06 23.20 12.92
CA ARG C 11 -32.35 21.79 13.24
C ARG C 11 -32.04 20.97 11.99
N LEU C 12 -32.55 21.43 10.84
CA LEU C 12 -32.43 20.71 9.58
C LEU C 12 -30.96 20.39 9.31
N VAL C 13 -30.13 21.42 9.34
CA VAL C 13 -28.71 21.28 9.12
C VAL C 13 -28.06 20.35 10.13
N ARG C 14 -28.41 20.48 11.41
CA ARG C 14 -27.88 19.60 12.46
C ARG C 14 -28.19 18.12 12.19
N VAL C 15 -29.44 17.79 11.92
CA VAL C 15 -29.81 16.37 11.77
C VAL C 15 -29.43 15.82 10.40
N TRP C 16 -29.25 16.73 9.43
CA TRP C 16 -28.75 16.39 8.11
C TRP C 16 -27.36 15.87 8.31
N ARG C 17 -26.55 16.63 9.02
CA ARG C 17 -25.16 16.32 9.22
C ARG C 17 -24.95 15.13 10.13
N ALA C 18 -25.83 14.99 11.12
CA ALA C 18 -25.77 13.83 12.03
C ALA C 18 -26.08 12.53 11.29
N LEU C 19 -26.82 12.64 10.19
CA LEU C 19 -27.13 11.47 9.38
C LEU C 19 -25.92 11.00 8.56
N ILE C 20 -25.22 11.96 7.95
CA ILE C 20 -24.01 11.71 7.20
C ILE C 20 -22.94 11.15 8.13
N ASP C 21 -22.80 11.75 9.31
CA ASP C 21 -21.93 11.26 10.40
C ASP C 21 -22.10 9.79 10.67
N HIS C 22 -23.36 9.35 10.73
CA HIS C 22 -23.65 7.97 11.04
C HIS C 22 -23.13 7.09 9.94
N ARG C 23 -23.36 7.48 8.68
CA ARG C 23 -22.93 6.68 7.53
C ARG C 23 -21.42 6.65 7.38
N LEU C 24 -20.75 7.71 7.83
CA LEU C 24 -19.32 7.84 7.72
C LEU C 24 -18.63 7.33 8.98
N LYS C 25 -19.41 6.65 9.84
CA LYS C 25 -18.90 6.18 11.11
C LYS C 25 -17.69 5.23 10.95
N PRO C 26 -17.75 4.25 10.02
CA PRO C 26 -16.61 3.34 9.83
C PRO C 26 -15.27 4.03 9.56
N LEU C 27 -15.32 5.23 8.99
CA LEU C 27 -14.14 6.02 8.63
C LEU C 27 -13.42 6.69 9.81
N GLU C 28 -14.10 6.78 10.96
CA GLU C 28 -13.55 7.33 12.21
C GLU C 28 -13.12 8.80 12.17
N LEU C 29 -13.59 9.54 11.16
CA LEU C 29 -13.41 11.00 11.10
C LEU C 29 -14.47 11.70 11.95
N THR C 30 -14.17 12.91 12.40
CA THR C 30 -15.18 13.75 13.06
C THR C 30 -15.97 14.58 12.02
N GLN C 31 -17.13 15.09 12.43
CA GLN C 31 -17.91 15.99 11.57
C GLN C 31 -17.03 17.10 10.98
N THR C 32 -16.15 17.67 11.80
CA THR C 32 -15.26 18.73 11.35
C THR C 32 -14.28 18.23 10.28
N HIS C 33 -13.68 17.05 10.53
CA HIS C 33 -12.72 16.43 9.61
C HIS C 33 -13.30 16.20 8.23
N TRP C 34 -14.45 15.55 8.16
CA TRP C 34 -15.06 15.31 6.84
C TRP C 34 -15.65 16.53 6.17
N VAL C 35 -16.18 17.47 6.95
CA VAL C 35 -16.69 18.72 6.39
C VAL C 35 -15.51 19.43 5.72
N THR C 36 -14.36 19.42 6.39
CA THR C 36 -13.11 19.99 5.87
C THR C 36 -12.62 19.25 4.61
N LEU C 37 -12.52 17.92 4.66
CA LEU C 37 -12.07 17.13 3.51
C LEU C 37 -12.90 17.39 2.24
N TYR C 38 -14.22 17.21 2.35
CA TYR C 38 -15.18 17.56 1.32
C TYR C 38 -14.88 18.92 0.70
N ASN C 39 -14.80 19.95 1.55
CA ASN C 39 -14.55 21.29 1.08
C ASN C 39 -13.23 21.47 0.31
N ILE C 40 -12.15 20.85 0.79
CA ILE C 40 -10.86 20.88 0.09
C ILE C 40 -11.00 20.27 -1.31
N ASN C 41 -11.78 19.20 -1.41
CA ASN C 41 -12.00 18.53 -2.67
C ASN C 41 -12.83 19.37 -3.63
N ARG C 42 -13.89 19.99 -3.12
CA ARG C 42 -14.88 20.65 -3.96
C ARG C 42 -14.39 22.00 -4.45
N LEU C 43 -13.54 22.65 -3.67
CA LEU C 43 -13.02 23.95 -4.04
C LEU C 43 -11.86 23.79 -5.00
N PRO C 44 -11.53 24.86 -5.76
CA PRO C 44 -10.34 24.96 -6.61
C PRO C 44 -9.06 24.58 -5.85
N PRO C 45 -7.99 24.19 -6.58
CA PRO C 45 -6.75 23.74 -5.94
C PRO C 45 -5.94 24.84 -5.25
N GLU C 46 -5.63 25.93 -5.96
CA GLU C 46 -4.82 27.01 -5.40
C GLU C 46 -5.63 27.83 -4.40
N GLN C 47 -5.97 27.21 -3.29
CA GLN C 47 -6.86 27.81 -2.29
C GLN C 47 -6.11 28.29 -1.07
N SER C 48 -6.41 29.52 -0.65
CA SER C 48 -5.79 30.10 0.52
C SER C 48 -6.53 29.75 1.81
N GLN C 49 -5.81 29.82 2.92
CA GLN C 49 -6.38 29.62 4.24
C GLN C 49 -7.65 30.45 4.41
N ILE C 50 -7.53 31.77 4.22
CA ILE C 50 -8.66 32.69 4.38
C ILE C 50 -9.85 32.29 3.52
N GLN C 51 -9.56 31.75 2.33
CA GLN C 51 -10.62 31.26 1.47
C GLN C 51 -11.25 30.03 2.11
N LEU C 52 -10.44 28.99 2.28
CA LEU C 52 -10.90 27.71 2.82
C LEU C 52 -11.76 27.81 4.09
N ALA C 53 -11.26 28.55 5.09
CA ALA C 53 -11.98 28.78 6.35
C ALA C 53 -13.35 29.41 6.16
N LYS C 54 -13.46 30.35 5.23
CA LYS C 54 -14.76 30.98 4.93
C LYS C 54 -15.78 29.97 4.44
N ALA C 55 -15.42 29.24 3.38
CA ALA C 55 -16.28 28.23 2.78
C ALA C 55 -16.61 27.08 3.73
N ILE C 56 -15.64 26.66 4.54
CA ILE C 56 -15.89 25.60 5.53
C ILE C 56 -16.89 26.09 6.57
N GLY C 57 -16.74 27.34 6.97
CA GLY C 57 -17.61 27.94 7.99
C GLY C 57 -17.01 28.03 9.38
N ILE C 58 -15.68 28.08 9.46
CA ILE C 58 -15.01 28.15 10.76
C ILE C 58 -13.94 29.22 10.76
N GLU C 59 -13.51 29.62 11.95
CA GLU C 59 -12.38 30.54 12.12
C GLU C 59 -11.06 29.93 11.66
N GLN C 60 -10.17 30.78 11.16
CA GLN C 60 -8.86 30.34 10.71
C GLN C 60 -8.07 29.56 11.77
N PRO C 61 -7.98 30.08 13.01
CA PRO C 61 -7.23 29.36 14.05
C PRO C 61 -7.72 27.95 14.30
N SER C 62 -9.03 27.77 14.30
CA SER C 62 -9.61 26.45 14.48
C SER C 62 -9.34 25.50 13.29
N LEU C 63 -9.20 26.07 12.09
CA LEU C 63 -8.88 25.32 10.90
C LEU C 63 -7.46 24.74 10.97
N VAL C 64 -6.56 25.51 11.58
CA VAL C 64 -5.18 25.08 11.64
C VAL C 64 -5.07 23.73 12.37
N ARG C 65 -5.62 23.65 13.58
CA ARG C 65 -5.56 22.42 14.38
C ARG C 65 -6.24 21.24 13.69
N THR C 66 -7.36 21.52 13.02
CA THR C 66 -8.03 20.56 12.16
C THR C 66 -7.10 20.10 11.01
N LEU C 67 -6.47 21.05 10.34
CA LEU C 67 -5.46 20.77 9.31
C LEU C 67 -4.26 19.97 9.84
N ASP C 68 -3.80 20.31 11.04
CA ASP C 68 -2.70 19.57 11.67
C ASP C 68 -3.09 18.11 11.86
N GLN C 69 -4.31 17.90 12.38
CA GLN C 69 -4.83 16.57 12.67
C GLN C 69 -5.05 15.73 11.41
N LEU C 70 -5.39 16.39 10.31
CA LEU C 70 -5.55 15.71 9.04
C LEU C 70 -4.19 15.29 8.46
N GLU C 71 -3.18 16.14 8.65
CA GLU C 71 -1.81 15.85 8.20
C GLU C 71 -1.27 14.62 8.90
N GLU C 72 -1.32 14.62 10.23
CA GLU C 72 -0.78 13.51 11.01
C GLU C 72 -1.59 12.22 10.87
N LYS C 73 -2.65 12.30 10.07
CA LYS C 73 -3.41 11.11 9.67
C LYS C 73 -3.04 10.68 8.25
N GLY C 74 -2.24 11.50 7.56
CA GLY C 74 -1.74 11.15 6.23
C GLY C 74 -2.70 11.47 5.11
N LEU C 75 -3.63 12.39 5.38
CA LEU C 75 -4.70 12.74 4.44
C LEU C 75 -4.42 14.01 3.64
N ILE C 76 -3.57 14.88 4.19
CA ILE C 76 -3.13 16.10 3.51
C ILE C 76 -1.64 16.37 3.79
N THR C 77 -0.95 16.94 2.80
CA THR C 77 0.37 17.54 3.00
C THR C 77 0.24 19.05 2.82
N ARG C 78 1.26 19.81 3.19
CA ARG C 78 1.25 21.27 3.01
C ARG C 78 2.41 21.81 2.17
N ARG C 89 0.08 26.32 0.91
CA ARG C 89 -0.77 25.60 -0.04
C ARG C 89 -1.08 24.17 0.43
N ILE C 90 -2.38 23.81 0.45
CA ILE C 90 -2.84 22.51 0.96
C ILE C 90 -3.07 21.48 -0.15
N LYS C 91 -2.56 20.26 0.03
CA LYS C 91 -2.68 19.20 -0.97
C LYS C 91 -3.23 17.89 -0.39
N LEU C 92 -4.28 17.39 -1.01
CA LEU C 92 -4.80 16.06 -0.72
C LEU C 92 -3.74 15.02 -1.10
N THR C 93 -3.60 13.98 -0.29
CA THR C 93 -2.61 12.93 -0.58
C THR C 93 -3.22 11.95 -1.56
N GLU C 94 -2.38 11.12 -2.18
CA GLU C 94 -2.88 10.11 -3.10
C GLU C 94 -3.69 9.05 -2.35
N GLN C 95 -3.22 8.66 -1.17
CA GLN C 95 -3.93 7.69 -0.32
C GLN C 95 -5.30 8.18 0.14
N SER C 96 -5.43 9.49 0.36
CA SER C 96 -6.70 10.11 0.77
C SER C 96 -7.85 9.87 -0.21
N SER C 97 -7.49 9.59 -1.47
CA SER C 97 -8.42 9.50 -2.60
C SER C 97 -9.68 8.63 -2.37
N PRO C 98 -9.50 7.38 -1.89
CA PRO C 98 -10.67 6.53 -1.62
C PRO C 98 -11.53 7.02 -0.47
N ILE C 99 -10.92 7.71 0.49
CA ILE C 99 -11.65 8.27 1.63
C ILE C 99 -12.51 9.46 1.18
N ILE C 100 -11.94 10.30 0.32
CA ILE C 100 -12.65 11.43 -0.30
C ILE C 100 -13.80 10.96 -1.19
N GLU C 101 -13.56 9.90 -1.96
CA GLU C 101 -14.60 9.29 -2.80
C GLU C 101 -15.77 8.82 -1.94
N GLN C 102 -15.46 8.18 -0.81
CA GLN C 102 -16.44 7.74 0.17
C GLN C 102 -17.25 8.90 0.78
N VAL C 103 -16.58 9.95 1.19
CA VAL C 103 -17.24 11.12 1.78
C VAL C 103 -18.21 11.76 0.77
N ASP C 104 -17.71 12.14 -0.42
CA ASP C 104 -18.53 12.66 -1.52
C ASP C 104 -19.72 11.76 -1.87
N GLY C 105 -19.47 10.45 -1.98
CA GLY C 105 -20.51 9.47 -2.30
C GLY C 105 -21.67 9.58 -1.33
N VAL C 106 -21.36 9.47 -0.04
CA VAL C 106 -22.31 9.58 1.05
C VAL C 106 -23.05 10.94 1.08
N ILE C 107 -22.32 12.05 0.89
CA ILE C 107 -22.98 13.35 0.88
C ILE C 107 -23.97 13.41 -0.28
N SER C 108 -23.49 12.99 -1.45
CA SER C 108 -24.26 13.01 -2.69
C SER C 108 -25.52 12.16 -2.58
N SER C 109 -25.37 10.94 -2.08
CA SER C 109 -26.49 10.01 -1.93
C SER C 109 -27.50 10.52 -0.91
N THR C 110 -27.00 10.97 0.24
CA THR C 110 -27.84 11.51 1.31
C THR C 110 -28.70 12.68 0.84
N ARG C 111 -28.09 13.67 0.18
CA ARG C 111 -28.84 14.81 -0.39
C ARG C 111 -30.02 14.34 -1.25
N LYS C 112 -29.77 13.38 -2.12
CA LYS C 112 -30.79 12.93 -3.05
C LYS C 112 -31.94 12.19 -2.38
N GLU C 113 -31.66 11.43 -1.33
CA GLU C 113 -32.73 10.81 -0.54
C GLU C 113 -33.53 11.85 0.26
N ILE C 114 -32.84 12.89 0.71
CA ILE C 114 -33.48 13.96 1.47
C ILE C 114 -34.35 14.83 0.58
N LEU C 115 -34.04 14.87 -0.71
CA LEU C 115 -34.80 15.66 -1.65
C LEU C 115 -35.94 14.87 -2.31
N GLY C 116 -35.98 13.57 -2.03
CA GLY C 116 -37.01 12.68 -2.54
C GLY C 116 -38.39 13.17 -2.18
N GLY C 117 -39.28 13.17 -3.17
CA GLY C 117 -40.62 13.69 -2.99
C GLY C 117 -40.71 15.17 -3.31
N ILE C 118 -39.57 15.79 -3.63
CA ILE C 118 -39.56 17.23 -3.93
C ILE C 118 -39.28 17.44 -5.41
N SER C 119 -40.21 18.12 -6.09
CA SER C 119 -40.11 18.35 -7.52
C SER C 119 -39.07 19.42 -7.81
N SER C 120 -38.58 19.44 -9.05
CA SER C 120 -37.47 20.29 -9.44
C SER C 120 -37.77 21.79 -9.28
N ASP C 121 -39.02 22.17 -9.51
CA ASP C 121 -39.46 23.56 -9.28
C ASP C 121 -39.47 23.97 -7.79
N GLU C 122 -39.92 23.06 -6.93
CA GLU C 122 -39.83 23.29 -5.48
C GLU C 122 -38.40 23.52 -5.02
N ILE C 123 -37.46 22.74 -5.54
CA ILE C 123 -36.04 22.93 -5.25
C ILE C 123 -35.59 24.34 -5.61
N ALA C 124 -35.89 24.73 -6.85
CA ALA C 124 -35.63 26.08 -7.35
C ALA C 124 -36.24 27.18 -6.46
N VAL C 125 -37.49 26.99 -6.05
CA VAL C 125 -38.15 27.92 -5.10
C VAL C 125 -37.44 27.96 -3.73
N LEU C 126 -37.03 26.79 -3.23
CA LEU C 126 -36.29 26.69 -1.97
C LEU C 126 -34.98 27.45 -2.10
N SER C 127 -34.32 27.23 -3.24
CA SER C 127 -33.04 27.85 -3.58
C SER C 127 -33.16 29.37 -3.63
N GLY C 128 -34.21 29.84 -4.28
CA GLY C 128 -34.49 31.28 -4.40
C GLY C 128 -34.65 31.94 -3.03
N LEU C 129 -35.32 31.24 -2.12
CA LEU C 129 -35.66 31.82 -0.83
C LEU C 129 -34.47 31.87 0.12
N ILE C 130 -33.69 30.79 0.19
CA ILE C 130 -32.41 30.75 0.93
C ILE C 130 -31.55 31.96 0.53
N ASP C 131 -31.32 32.08 -0.77
CA ASP C 131 -30.48 33.12 -1.35
C ASP C 131 -30.91 34.52 -0.92
N LYS C 132 -32.18 34.86 -1.04
CA LYS C 132 -32.58 36.23 -0.72
C LYS C 132 -32.52 36.51 0.77
N LEU C 133 -32.83 35.50 1.59
CA LEU C 133 -32.55 35.58 3.03
C LEU C 133 -31.06 35.81 3.27
N GLU C 134 -30.22 35.02 2.62
CA GLU C 134 -28.77 35.20 2.71
C GLU C 134 -28.31 36.60 2.28
N LYS C 135 -28.84 37.09 1.15
CA LYS C 135 -28.43 38.43 0.69
C LYS C 135 -28.86 39.52 1.65
N ASN C 136 -30.03 39.34 2.27
CA ASN C 136 -30.56 40.31 3.20
C ASN C 136 -29.65 40.42 4.42
N ILE C 137 -29.24 39.26 4.93
CA ILE C 137 -28.34 39.15 6.06
C ILE C 137 -26.98 39.77 5.76
N ILE C 138 -26.46 39.51 4.57
CA ILE C 138 -25.17 40.10 4.18
C ILE C 138 -25.30 41.62 4.23
N GLN C 139 -26.43 42.12 3.73
CA GLN C 139 -26.68 43.55 3.73
C GLN C 139 -26.83 44.11 5.15
N LEU C 140 -27.50 43.38 6.04
CA LEU C 140 -27.68 43.83 7.42
C LEU C 140 -26.35 43.86 8.19
N GLN C 141 -25.43 42.97 7.83
CA GLN C 141 -24.07 42.96 8.37
C GLN C 141 -23.26 44.17 7.91
N THR C 142 -23.51 44.63 6.68
CA THR C 142 -22.88 45.83 6.12
C THR C 142 -23.23 47.05 6.97
N LYS C 143 -24.53 47.29 7.14
CA LYS C 143 -25.07 48.39 7.95
C LYS C 143 -24.16 48.82 9.10
N SER D 3 -26.28 20.30 -7.44
CA SER D 3 -27.03 20.96 -6.32
C SER D 3 -26.16 21.05 -5.07
N THR D 4 -25.94 22.27 -4.58
CA THR D 4 -25.15 22.46 -3.36
C THR D 4 -26.07 22.94 -2.23
N LEU D 5 -27.27 22.35 -2.20
CA LEU D 5 -28.31 22.81 -1.30
C LEU D 5 -27.96 22.59 0.18
N GLY D 6 -27.35 21.44 0.47
CA GLY D 6 -26.88 21.15 1.83
C GLY D 6 -25.96 22.22 2.37
N SER D 7 -24.96 22.62 1.57
CA SER D 7 -24.03 23.67 1.97
C SER D 7 -24.64 25.08 2.08
N ASP D 8 -25.53 25.42 1.15
CA ASP D 8 -26.22 26.76 1.19
C ASP D 8 -27.07 26.89 2.45
N LEU D 9 -27.81 25.84 2.80
CA LEU D 9 -28.53 25.78 4.08
C LEU D 9 -27.57 25.99 5.26
N ALA D 10 -26.45 25.26 5.29
CA ALA D 10 -25.47 25.41 6.35
C ALA D 10 -24.93 26.83 6.42
N ARG D 11 -24.60 27.40 5.26
CA ARG D 11 -24.13 28.79 5.19
C ARG D 11 -25.20 29.80 5.68
N LEU D 12 -26.46 29.62 5.27
CA LEU D 12 -27.51 30.52 5.74
C LEU D 12 -27.56 30.53 7.27
N VAL D 13 -27.55 29.35 7.87
CA VAL D 13 -27.61 29.23 9.32
C VAL D 13 -26.42 29.95 9.97
N ARG D 14 -25.23 29.70 9.42
CA ARG D 14 -24.02 30.28 9.94
C ARG D 14 -24.01 31.84 9.92
N VAL D 15 -24.43 32.45 8.82
CA VAL D 15 -24.35 33.92 8.70
C VAL D 15 -25.45 34.61 9.52
N TRP D 16 -26.57 33.91 9.67
CA TRP D 16 -27.65 34.31 10.56
C TRP D 16 -27.11 34.45 11.97
N ARG D 17 -26.47 33.38 12.47
CA ARG D 17 -25.85 33.42 13.79
C ARG D 17 -24.84 34.56 13.89
N ALA D 18 -24.02 34.70 12.85
CA ALA D 18 -22.93 35.67 12.86
C ALA D 18 -23.46 37.12 12.97
N LEU D 19 -24.60 37.39 12.33
CA LEU D 19 -25.25 38.68 12.39
C LEU D 19 -25.76 38.99 13.79
N ILE D 20 -26.37 38.01 14.44
CA ILE D 20 -26.75 38.16 15.85
C ILE D 20 -25.52 38.46 16.67
N ASP D 21 -24.47 37.65 16.45
CA ASP D 21 -23.23 37.78 17.19
C ASP D 21 -22.60 39.16 17.05
N HIS D 22 -22.44 39.61 15.81
CA HIS D 22 -21.87 40.93 15.54
C HIS D 22 -22.61 42.04 16.23
N ARG D 23 -23.93 42.01 16.17
CA ARG D 23 -24.79 43.00 16.86
C ARG D 23 -24.67 42.98 18.38
N LEU D 24 -24.04 41.95 18.92
CA LEU D 24 -23.80 41.86 20.36
C LEU D 24 -22.33 42.11 20.73
N LYS D 25 -21.53 42.49 19.74
CA LYS D 25 -20.13 42.91 19.97
C LYS D 25 -19.92 43.87 21.15
N PRO D 26 -20.76 44.93 21.30
CA PRO D 26 -20.49 45.88 22.38
C PRO D 26 -20.48 45.28 23.79
N LEU D 27 -21.12 44.13 23.96
CA LEU D 27 -21.22 43.48 25.27
C LEU D 27 -19.94 42.80 25.76
N GLU D 28 -18.94 42.69 24.89
CA GLU D 28 -17.66 42.07 25.22
C GLU D 28 -17.79 40.60 25.61
N LEU D 29 -18.64 39.85 24.91
CA LEU D 29 -18.79 38.43 25.18
C LEU D 29 -18.71 37.64 23.86
N THR D 30 -18.05 36.48 23.88
CA THR D 30 -18.04 35.58 22.73
C THR D 30 -19.40 34.96 22.47
N GLN D 31 -19.56 34.32 21.31
CA GLN D 31 -20.79 33.61 20.99
C GLN D 31 -21.11 32.55 22.06
N THR D 32 -20.11 31.79 22.50
CA THR D 32 -20.36 30.74 23.48
C THR D 32 -20.85 31.32 24.83
N HIS D 33 -20.27 32.45 25.24
CA HIS D 33 -20.67 33.13 26.48
C HIS D 33 -22.15 33.48 26.49
N TRP D 34 -22.58 34.30 25.54
CA TRP D 34 -23.95 34.80 25.62
C TRP D 34 -25.01 33.74 25.30
N VAL D 35 -24.67 32.78 24.45
CA VAL D 35 -25.58 31.67 24.15
C VAL D 35 -25.79 30.83 25.40
N THR D 36 -24.70 30.61 26.13
CA THR D 36 -24.78 29.97 27.42
C THR D 36 -25.68 30.76 28.38
N LEU D 37 -25.49 32.08 28.43
CA LEU D 37 -26.27 32.90 29.34
C LEU D 37 -27.76 32.79 28.95
N TYR D 38 -28.01 32.93 27.66
CA TYR D 38 -29.36 32.85 27.11
C TYR D 38 -30.07 31.54 27.52
N ASN D 39 -29.38 30.40 27.37
CA ASN D 39 -29.95 29.10 27.73
C ASN D 39 -30.10 28.87 29.23
N ILE D 40 -29.13 29.34 30.01
CA ILE D 40 -29.30 29.29 31.46
C ILE D 40 -30.58 30.00 31.89
N ASN D 41 -30.85 31.16 31.30
CA ASN D 41 -32.00 31.98 31.65
C ASN D 41 -33.33 31.35 31.20
N ARG D 42 -33.33 30.73 30.02
CA ARG D 42 -34.55 30.17 29.41
C ARG D 42 -34.97 28.79 29.94
N LEU D 43 -34.00 27.92 30.22
CA LEU D 43 -34.27 26.57 30.67
C LEU D 43 -34.70 26.52 32.15
N PRO D 44 -35.64 25.61 32.48
CA PRO D 44 -36.01 25.38 33.89
C PRO D 44 -34.77 24.98 34.71
N PRO D 45 -34.60 25.58 35.91
CA PRO D 45 -33.34 25.66 36.68
C PRO D 45 -32.36 24.47 36.62
N GLU D 46 -32.60 23.42 37.39
CA GLU D 46 -31.58 22.37 37.61
C GLU D 46 -31.25 21.48 36.41
N GLN D 47 -30.78 22.08 35.33
CA GLN D 47 -30.28 21.35 34.18
C GLN D 47 -29.01 20.58 34.55
N SER D 48 -28.93 19.33 34.11
CA SER D 48 -27.67 18.61 34.13
C SER D 48 -26.70 19.23 33.11
N GLN D 49 -25.40 19.03 33.35
CA GLN D 49 -24.38 19.56 32.46
C GLN D 49 -24.54 19.02 31.03
N ILE D 50 -24.80 17.73 30.93
CA ILE D 50 -25.14 17.13 29.62
C ILE D 50 -26.30 17.87 28.90
N GLN D 51 -27.40 18.15 29.60
CA GLN D 51 -28.55 18.88 29.01
C GLN D 51 -28.19 20.31 28.62
N LEU D 52 -27.51 20.99 29.53
CA LEU D 52 -27.09 22.35 29.28
C LEU D 52 -26.18 22.42 28.04
N ALA D 53 -25.15 21.55 28.00
CA ALA D 53 -24.28 21.41 26.82
C ALA D 53 -25.02 21.03 25.53
N LYS D 54 -25.97 20.11 25.62
CA LYS D 54 -26.78 19.84 24.43
C LYS D 54 -27.54 21.08 23.98
N ALA D 55 -28.18 21.78 24.90
CA ALA D 55 -28.96 22.96 24.54
C ALA D 55 -28.07 24.00 23.88
N ILE D 56 -26.87 24.17 24.42
CA ILE D 56 -25.93 25.20 23.91
C ILE D 56 -25.26 24.80 22.60
N GLY D 57 -25.16 23.50 22.34
CA GLY D 57 -24.50 22.99 21.13
C GLY D 57 -22.99 22.85 21.26
N ILE D 58 -22.52 22.66 22.49
CA ILE D 58 -21.07 22.51 22.71
C ILE D 58 -20.74 21.19 23.38
N GLU D 59 -19.46 20.84 23.42
CA GLU D 59 -19.02 19.67 24.15
C GLU D 59 -18.97 20.01 25.64
N GLN D 60 -19.15 19.00 26.49
CA GLN D 60 -19.11 19.21 27.93
C GLN D 60 -17.84 19.90 28.46
N PRO D 61 -16.62 19.50 27.98
CA PRO D 61 -15.42 20.19 28.50
C PRO D 61 -15.45 21.67 28.14
N SER D 62 -15.99 22.00 26.97
CA SER D 62 -16.16 23.38 26.58
C SER D 62 -17.15 24.12 27.50
N LEU D 63 -18.15 23.43 28.03
CA LEU D 63 -19.09 24.05 28.97
C LEU D 63 -18.43 24.38 30.31
N VAL D 64 -17.61 23.44 30.80
CA VAL D 64 -16.87 23.65 32.04
C VAL D 64 -16.04 24.93 31.94
N ARG D 65 -15.35 25.11 30.82
CA ARG D 65 -14.52 26.29 30.65
C ARG D 65 -15.36 27.59 30.61
N THR D 66 -16.45 27.55 29.84
CA THR D 66 -17.36 28.67 29.67
C THR D 66 -18.00 29.11 31.00
N LEU D 67 -18.39 28.14 31.83
CA LEU D 67 -18.99 28.41 33.11
C LEU D 67 -18.00 29.11 34.05
N ASP D 68 -16.75 28.61 34.08
CA ASP D 68 -15.67 29.24 34.86
C ASP D 68 -15.51 30.69 34.44
N GLN D 69 -15.46 30.92 33.14
CA GLN D 69 -15.33 32.27 32.62
C GLN D 69 -16.52 33.18 32.96
N LEU D 70 -17.74 32.64 32.91
CA LEU D 70 -18.90 33.46 33.23
C LEU D 70 -18.90 33.84 34.71
N GLU D 71 -18.41 32.93 35.53
CA GLU D 71 -18.30 33.18 36.95
C GLU D 71 -17.21 34.22 37.26
N GLU D 72 -16.00 34.01 36.72
CA GLU D 72 -14.90 34.99 36.85
C GLU D 72 -15.38 36.39 36.47
N LYS D 73 -16.24 36.46 35.46
CA LYS D 73 -16.79 37.71 34.98
C LYS D 73 -17.92 38.27 35.85
N GLY D 74 -18.39 37.49 36.81
CA GLY D 74 -19.41 37.94 37.76
C GLY D 74 -20.85 37.81 37.27
N LEU D 75 -21.05 37.02 36.21
CA LEU D 75 -22.35 36.90 35.55
C LEU D 75 -23.24 35.74 36.08
N ILE D 76 -22.60 34.74 36.68
CA ILE D 76 -23.27 33.58 37.31
C ILE D 76 -22.58 33.24 38.66
N THR D 77 -23.33 32.64 39.59
CA THR D 77 -22.71 31.99 40.74
C THR D 77 -23.04 30.51 40.75
N ARG D 78 -22.18 29.72 41.40
CA ARG D 78 -22.39 28.28 41.58
C ARG D 78 -22.26 27.91 43.07
N HIS D 79 -23.22 27.15 43.59
CA HIS D 79 -23.29 26.90 45.04
C HIS D 79 -23.35 25.45 45.44
N LYS D 88 -23.10 21.19 42.29
CA LYS D 88 -23.00 22.53 41.70
C LYS D 88 -24.21 22.89 40.85
N ARG D 89 -24.96 23.91 41.26
CA ARG D 89 -26.07 24.44 40.45
C ARG D 89 -25.96 25.96 40.17
N ILE D 90 -26.34 26.36 38.96
CA ILE D 90 -26.04 27.69 38.44
C ILE D 90 -27.17 28.69 38.60
N LYS D 91 -26.85 29.88 39.10
CA LYS D 91 -27.83 30.96 39.20
C LYS D 91 -27.29 32.22 38.56
N LEU D 92 -28.15 32.96 37.87
CA LEU D 92 -27.75 34.23 37.26
C LEU D 92 -27.61 35.34 38.29
N THR D 93 -26.57 36.16 38.13
CA THR D 93 -26.37 37.30 39.00
C THR D 93 -27.15 38.46 38.45
N GLU D 94 -27.39 39.43 39.33
CA GLU D 94 -28.04 40.67 38.98
C GLU D 94 -27.32 41.41 37.84
N GLN D 95 -25.99 41.25 37.76
CA GLN D 95 -25.21 41.86 36.67
C GLN D 95 -25.67 41.45 35.27
N SER D 96 -26.22 40.26 35.13
CA SER D 96 -26.52 39.72 33.81
C SER D 96 -27.88 40.16 33.22
N SER D 97 -28.65 40.92 34.00
CA SER D 97 -29.95 41.42 33.54
C SER D 97 -29.84 42.33 32.31
N PRO D 98 -29.02 43.40 32.37
CA PRO D 98 -28.91 44.24 31.17
C PRO D 98 -28.48 43.41 29.99
N ILE D 99 -27.55 42.50 30.27
CA ILE D 99 -26.92 41.67 29.25
C ILE D 99 -27.94 40.78 28.56
N ILE D 100 -28.74 40.07 29.36
CA ILE D 100 -29.79 39.19 28.88
C ILE D 100 -30.89 39.97 28.16
N GLU D 101 -31.30 41.11 28.76
CA GLU D 101 -32.27 42.00 28.15
C GLU D 101 -31.80 42.43 26.76
N GLN D 102 -30.53 42.80 26.64
CA GLN D 102 -30.00 43.14 25.32
C GLN D 102 -29.92 41.92 24.37
N VAL D 103 -29.49 40.78 24.91
CA VAL D 103 -29.46 39.55 24.12
C VAL D 103 -30.82 39.23 23.52
N ASP D 104 -31.87 39.29 24.34
CA ASP D 104 -33.23 39.04 23.87
C ASP D 104 -33.64 40.01 22.78
N GLY D 105 -33.53 41.32 23.07
CA GLY D 105 -33.84 42.39 22.11
C GLY D 105 -33.20 42.17 20.74
N VAL D 106 -31.88 41.98 20.72
CA VAL D 106 -31.16 41.72 19.47
C VAL D 106 -31.66 40.49 18.72
N ILE D 107 -31.84 39.38 19.42
CA ILE D 107 -32.35 38.14 18.81
C ILE D 107 -33.72 38.41 18.18
N SER D 108 -34.63 38.90 19.01
CA SER D 108 -36.01 39.17 18.62
C SER D 108 -36.07 40.14 17.44
N SER D 109 -35.30 41.22 17.54
CA SER D 109 -35.21 42.26 16.50
C SER D 109 -34.49 41.85 15.19
N THR D 110 -33.48 40.98 15.29
CA THR D 110 -32.76 40.51 14.11
C THR D 110 -33.63 39.56 13.29
N ARG D 111 -34.28 38.62 13.99
CA ARG D 111 -35.25 37.71 13.39
C ARG D 111 -36.22 38.44 12.47
N LYS D 112 -36.90 39.44 13.02
CA LYS D 112 -37.89 40.26 12.30
C LYS D 112 -37.29 40.93 11.07
N GLU D 113 -36.10 41.51 11.22
CA GLU D 113 -35.40 42.13 10.08
C GLU D 113 -34.98 41.12 9.02
N ILE D 114 -34.47 39.96 9.45
CA ILE D 114 -34.08 38.91 8.51
C ILE D 114 -35.31 38.43 7.72
N LEU D 115 -36.35 38.02 8.44
CA LEU D 115 -37.57 37.52 7.81
C LEU D 115 -38.27 38.61 6.98
N GLY D 116 -37.94 39.86 7.26
CA GLY D 116 -38.39 40.99 6.45
C GLY D 116 -37.99 40.87 5.00
N GLY D 117 -37.07 39.94 4.71
CA GLY D 117 -36.54 39.75 3.36
C GLY D 117 -37.50 39.12 2.38
N ILE D 118 -38.51 38.42 2.91
CA ILE D 118 -39.43 37.64 2.10
C ILE D 118 -40.87 37.84 2.55
N SER D 119 -41.81 37.56 1.66
CA SER D 119 -43.22 37.80 1.94
C SER D 119 -43.81 36.80 2.94
N SER D 120 -44.97 37.16 3.48
CA SER D 120 -45.71 36.32 4.40
C SER D 120 -46.00 34.94 3.81
N ASP D 121 -46.29 34.91 2.52
CA ASP D 121 -46.56 33.66 1.81
C ASP D 121 -45.29 32.85 1.59
N GLU D 122 -44.20 33.55 1.31
CA GLU D 122 -42.92 32.89 1.09
C GLU D 122 -42.42 32.20 2.35
N ILE D 123 -42.55 32.87 3.49
CA ILE D 123 -42.27 32.27 4.80
C ILE D 123 -43.01 30.94 4.93
N ALA D 124 -44.30 30.93 4.58
CA ALA D 124 -45.13 29.73 4.68
C ALA D 124 -44.63 28.62 3.75
N VAL D 125 -44.35 28.99 2.49
CA VAL D 125 -43.80 28.04 1.51
C VAL D 125 -42.44 27.50 1.96
N LEU D 126 -41.54 28.37 2.40
CA LEU D 126 -40.25 27.94 2.93
C LEU D 126 -40.47 26.99 4.12
N SER D 127 -41.31 27.40 5.05
CA SER D 127 -41.61 26.56 6.19
C SER D 127 -42.11 25.19 5.75
N GLY D 128 -42.98 25.16 4.73
CA GLY D 128 -43.49 23.90 4.18
C GLY D 128 -42.42 23.01 3.56
N LEU D 129 -41.49 23.62 2.83
CA LEU D 129 -40.44 22.85 2.20
C LEU D 129 -39.42 22.25 3.20
N ILE D 130 -39.13 23.01 4.26
CA ILE D 130 -38.21 22.58 5.32
C ILE D 130 -38.80 21.42 6.11
N ASP D 131 -40.13 21.46 6.25
CA ASP D 131 -40.90 20.42 6.92
C ASP D 131 -40.86 19.12 6.12
N LYS D 132 -40.93 19.26 4.79
CA LYS D 132 -40.87 18.10 3.90
C LYS D 132 -39.50 17.45 3.99
N LEU D 133 -38.46 18.28 3.96
CA LEU D 133 -37.08 17.81 4.13
C LEU D 133 -36.92 17.12 5.48
N GLU D 134 -37.53 17.69 6.52
CA GLU D 134 -37.37 17.13 7.86
C GLU D 134 -37.99 15.74 7.94
N LYS D 135 -39.17 15.57 7.35
CA LYS D 135 -39.86 14.27 7.31
C LYS D 135 -39.06 13.19 6.57
N ASN D 136 -38.39 13.58 5.49
CA ASN D 136 -37.52 12.66 4.78
C ASN D 136 -36.33 12.24 5.64
N ILE D 137 -35.79 13.18 6.41
CA ILE D 137 -34.70 12.87 7.31
C ILE D 137 -35.16 11.91 8.40
N ILE D 138 -36.35 12.16 8.96
CA ILE D 138 -36.98 11.26 9.93
C ILE D 138 -37.22 9.87 9.31
N GLN D 139 -37.66 9.84 8.05
CA GLN D 139 -37.86 8.60 7.32
C GLN D 139 -36.55 7.81 7.17
N LEU D 140 -35.45 8.53 6.96
CA LEU D 140 -34.12 7.93 6.82
C LEU D 140 -33.52 7.47 8.16
N GLN D 141 -33.80 8.23 9.22
CA GLN D 141 -33.39 7.87 10.58
C GLN D 141 -33.98 6.52 11.01
N THR D 142 -35.16 6.21 10.48
CA THR D 142 -35.80 4.92 10.70
C THR D 142 -35.09 3.77 9.97
N LYS D 143 -34.70 4.01 8.72
CA LYS D 143 -33.98 3.02 7.91
C LYS D 143 -32.51 2.89 8.33
N SER E 3 48.96 -18.38 -17.19
CA SER E 3 48.31 -18.58 -15.85
C SER E 3 46.84 -18.17 -15.87
N THR E 4 45.99 -18.95 -15.20
CA THR E 4 44.54 -18.79 -15.27
C THR E 4 43.97 -18.44 -13.90
N LEU E 5 44.83 -17.93 -13.03
CA LEU E 5 44.49 -17.66 -11.64
C LEU E 5 43.21 -16.81 -11.43
N GLY E 6 43.00 -15.83 -12.32
CA GLY E 6 41.82 -14.96 -12.29
C GLY E 6 40.55 -15.76 -12.43
N SER E 7 40.49 -16.55 -13.50
CA SER E 7 39.35 -17.45 -13.75
C SER E 7 39.16 -18.46 -12.63
N ASP E 8 40.26 -19.08 -12.18
CA ASP E 8 40.19 -20.07 -11.12
C ASP E 8 39.59 -19.51 -9.82
N LEU E 9 40.04 -18.33 -9.38
CA LEU E 9 39.48 -17.66 -8.19
C LEU E 9 38.00 -17.45 -8.40
N ALA E 10 37.67 -16.92 -9.57
CA ALA E 10 36.28 -16.62 -9.95
C ALA E 10 35.42 -17.86 -9.87
N ARG E 11 35.92 -18.96 -10.44
CA ARG E 11 35.21 -20.24 -10.43
C ARG E 11 35.03 -20.75 -8.99
N LEU E 12 36.06 -20.63 -8.15
CA LEU E 12 35.96 -21.02 -6.74
C LEU E 12 34.82 -20.30 -6.00
N VAL E 13 34.68 -19.00 -6.27
CA VAL E 13 33.60 -18.21 -5.67
C VAL E 13 32.21 -18.69 -6.15
N ARG E 14 32.08 -18.94 -7.45
CA ARG E 14 30.85 -19.54 -8.00
C ARG E 14 30.53 -20.92 -7.40
N VAL E 15 31.54 -21.78 -7.25
CA VAL E 15 31.31 -23.14 -6.74
C VAL E 15 30.93 -23.13 -5.25
N TRP E 16 31.67 -22.33 -4.47
CA TRP E 16 31.34 -22.07 -3.07
C TRP E 16 29.94 -21.51 -2.95
N ARG E 17 29.60 -20.59 -3.83
CA ARG E 17 28.32 -19.91 -3.73
C ARG E 17 27.17 -20.88 -4.04
N ALA E 18 27.46 -21.88 -4.88
CA ALA E 18 26.49 -22.86 -5.31
C ALA E 18 26.09 -23.81 -4.19
N LEU E 19 27.04 -24.18 -3.34
CA LEU E 19 26.76 -25.06 -2.21
C LEU E 19 25.88 -24.36 -1.18
N ILE E 20 26.04 -23.05 -1.07
CA ILE E 20 25.15 -22.23 -0.26
C ILE E 20 23.74 -22.21 -0.85
N ASP E 21 23.61 -21.95 -2.15
CA ASP E 21 22.34 -22.06 -2.88
C ASP E 21 21.59 -23.36 -2.55
N HIS E 22 22.25 -24.47 -2.84
CA HIS E 22 21.71 -25.80 -2.60
C HIS E 22 21.19 -25.94 -1.21
N ARG E 23 21.94 -25.43 -0.25
CA ARG E 23 21.55 -25.53 1.16
C ARG E 23 20.43 -24.57 1.57
N LEU E 24 20.16 -23.57 0.73
CA LEU E 24 19.15 -22.56 0.99
C LEU E 24 17.89 -22.75 0.14
N LYS E 25 17.90 -23.82 -0.67
CA LYS E 25 16.78 -24.15 -1.58
C LYS E 25 15.37 -23.89 -1.04
N PRO E 26 15.05 -24.44 0.15
CA PRO E 26 13.69 -24.29 0.70
C PRO E 26 13.26 -22.83 1.01
N LEU E 27 14.12 -21.86 0.78
CA LEU E 27 13.75 -20.47 1.05
C LEU E 27 13.37 -19.70 -0.20
N GLU E 28 13.61 -20.29 -1.37
CA GLU E 28 13.27 -19.64 -2.65
C GLU E 28 13.84 -18.22 -2.75
N LEU E 29 15.13 -18.10 -2.43
CA LEU E 29 15.87 -16.87 -2.62
C LEU E 29 16.82 -17.12 -3.75
N THR E 30 16.98 -16.16 -4.66
CA THR E 30 18.08 -16.20 -5.60
C THR E 30 19.38 -15.91 -4.84
N GLN E 31 20.49 -16.23 -5.48
CA GLN E 31 21.79 -15.95 -4.93
C GLN E 31 21.90 -14.46 -4.57
N THR E 32 21.40 -13.61 -5.46
CA THR E 32 21.50 -12.17 -5.29
C THR E 32 20.66 -11.72 -4.08
N HIS E 33 19.49 -12.33 -3.91
CA HIS E 33 18.69 -12.07 -2.71
C HIS E 33 19.47 -12.36 -1.45
N TRP E 34 20.10 -13.53 -1.37
CA TRP E 34 20.73 -13.92 -0.10
C TRP E 34 22.05 -13.27 0.15
N VAL E 35 22.79 -12.98 -0.92
CA VAL E 35 24.02 -12.20 -0.81
C VAL E 35 23.70 -10.82 -0.23
N THR E 36 22.61 -10.23 -0.75
CA THR E 36 22.18 -8.88 -0.37
C THR E 36 21.67 -8.84 1.06
N LEU E 37 20.87 -9.83 1.45
CA LEU E 37 20.37 -9.90 2.83
C LEU E 37 21.53 -10.09 3.81
N TYR E 38 22.45 -10.99 3.48
CA TYR E 38 23.60 -11.26 4.33
C TYR E 38 24.39 -9.98 4.56
N ASN E 39 24.57 -9.21 3.50
CA ASN E 39 25.25 -7.93 3.59
C ASN E 39 24.50 -6.88 4.41
N ILE E 40 23.17 -6.82 4.25
CA ILE E 40 22.39 -5.86 5.01
C ILE E 40 22.53 -6.19 6.49
N ASN E 41 22.38 -7.47 6.84
CA ASN E 41 22.52 -7.91 8.24
C ASN E 41 23.90 -7.64 8.87
N ARG E 42 24.95 -7.52 8.05
CA ARG E 42 26.30 -7.25 8.57
C ARG E 42 26.59 -5.75 8.83
N LEU E 43 25.67 -4.88 8.42
CA LEU E 43 25.91 -3.45 8.46
C LEU E 43 25.01 -2.84 9.50
N PRO E 44 25.35 -1.66 10.03
CA PRO E 44 24.40 -1.05 10.96
C PRO E 44 23.08 -0.81 10.22
N PRO E 45 21.94 -0.88 10.94
CA PRO E 45 20.67 -0.68 10.22
C PRO E 45 20.50 0.71 9.61
N GLU E 46 19.68 0.76 8.57
CA GLU E 46 19.32 1.96 7.82
C GLU E 46 20.45 2.66 7.05
N GLN E 47 21.18 1.83 6.30
CA GLN E 47 22.02 2.27 5.22
C GLN E 47 21.12 2.80 4.10
N SER E 48 21.62 3.82 3.39
CA SER E 48 20.97 4.32 2.19
C SER E 48 21.22 3.34 1.05
N GLN E 49 20.67 3.63 -0.12
CA GLN E 49 20.90 2.79 -1.29
C GLN E 49 22.32 2.92 -1.81
N ILE E 50 22.84 4.14 -1.78
CA ILE E 50 24.23 4.41 -2.12
C ILE E 50 25.19 3.64 -1.20
N GLN E 51 25.02 3.79 0.11
CA GLN E 51 25.86 3.10 1.10
C GLN E 51 25.88 1.60 0.89
N LEU E 52 24.71 1.00 0.71
CA LEU E 52 24.62 -0.44 0.50
C LEU E 52 25.25 -0.87 -0.80
N ALA E 53 25.09 -0.06 -1.85
CA ALA E 53 25.69 -0.36 -3.14
C ALA E 53 27.20 -0.37 -2.98
N LYS E 54 27.70 0.56 -2.17
CA LYS E 54 29.13 0.61 -1.91
C LYS E 54 29.64 -0.60 -1.14
N ALA E 55 28.85 -1.05 -0.17
CA ALA E 55 29.24 -2.19 0.64
C ALA E 55 29.28 -3.52 -0.15
N ILE E 56 28.37 -3.66 -1.10
CA ILE E 56 28.26 -4.86 -1.90
C ILE E 56 29.20 -4.76 -3.11
N GLY E 57 29.51 -3.53 -3.51
CA GLY E 57 30.34 -3.32 -4.70
C GLY E 57 29.57 -3.54 -5.99
N ILE E 58 28.37 -2.97 -6.08
CA ILE E 58 27.59 -3.01 -7.32
C ILE E 58 27.01 -1.65 -7.67
N GLU E 59 26.72 -1.47 -8.95
CA GLU E 59 25.95 -0.31 -9.42
C GLU E 59 24.59 -0.23 -8.72
N GLN E 60 24.25 0.98 -8.29
CA GLN E 60 23.03 1.27 -7.59
C GLN E 60 21.74 0.83 -8.32
N PRO E 61 21.62 1.07 -9.65
CA PRO E 61 20.35 0.65 -10.29
C PRO E 61 20.09 -0.85 -10.20
N SER E 62 21.15 -1.65 -10.22
CA SER E 62 21.03 -3.11 -10.05
C SER E 62 20.55 -3.46 -8.66
N LEU E 63 21.17 -2.86 -7.66
CA LEU E 63 20.78 -3.04 -6.27
C LEU E 63 19.31 -2.69 -6.04
N VAL E 64 18.86 -1.55 -6.59
CA VAL E 64 17.47 -1.12 -6.40
C VAL E 64 16.48 -2.22 -6.84
N ARG E 65 16.68 -2.75 -8.06
CA ARG E 65 15.88 -3.88 -8.57
C ARG E 65 15.78 -5.00 -7.55
N THR E 66 16.91 -5.40 -6.97
CA THR E 66 16.95 -6.42 -5.92
C THR E 66 16.17 -5.98 -4.67
N LEU E 67 16.30 -4.71 -4.29
CA LEU E 67 15.60 -4.18 -3.10
C LEU E 67 14.07 -4.20 -3.23
N ASP E 68 13.58 -3.77 -4.39
CA ASP E 68 12.15 -3.89 -4.73
C ASP E 68 11.65 -5.34 -4.52
N GLN E 69 12.42 -6.33 -4.99
CA GLN E 69 12.04 -7.72 -4.83
C GLN E 69 12.00 -8.17 -3.37
N LEU E 70 13.03 -7.81 -2.60
CA LEU E 70 13.08 -8.07 -1.16
C LEU E 70 11.96 -7.37 -0.41
N GLU E 71 11.61 -6.16 -0.84
CA GLU E 71 10.48 -5.46 -0.21
C GLU E 71 9.15 -6.16 -0.48
N GLU E 72 8.89 -6.51 -1.74
CA GLU E 72 7.70 -7.29 -2.08
C GLU E 72 7.64 -8.61 -1.30
N LYS E 73 8.81 -9.20 -1.06
CA LYS E 73 8.89 -10.46 -0.34
C LYS E 73 8.68 -10.30 1.18
N GLY E 74 8.47 -9.05 1.64
CA GLY E 74 8.25 -8.74 3.05
C GLY E 74 9.51 -8.84 3.91
N LEU E 75 10.69 -8.74 3.29
CA LEU E 75 11.98 -8.89 4.02
C LEU E 75 12.62 -7.55 4.45
N ILE E 76 12.35 -6.50 3.68
CA ILE E 76 12.82 -5.16 4.03
C ILE E 76 11.74 -4.09 3.87
N THR E 77 11.93 -2.96 4.56
CA THR E 77 11.23 -1.72 4.28
C THR E 77 12.22 -0.61 3.93
N ARG E 78 11.70 0.49 3.41
CA ARG E 78 12.48 1.62 2.93
C ARG E 78 11.80 2.94 3.31
N HIS E 79 12.32 3.62 4.32
CA HIS E 79 11.72 4.87 4.77
C HIS E 79 12.57 6.09 4.48
N THR E 80 11.91 7.24 4.37
CA THR E 80 12.58 8.53 4.19
C THR E 80 12.44 9.39 5.44
N LYS E 88 16.46 7.20 0.85
CA LYS E 88 15.72 6.00 1.27
C LYS E 88 16.62 5.03 1.98
N ARG E 89 16.14 4.57 3.12
CA ARG E 89 16.94 3.89 4.11
C ARG E 89 16.43 2.47 4.29
N ILE E 90 17.34 1.51 4.39
CA ILE E 90 16.97 0.10 4.36
C ILE E 90 16.93 -0.50 5.76
N LYS E 91 15.83 -1.20 6.05
CA LYS E 91 15.61 -1.82 7.34
C LYS E 91 15.08 -3.25 7.16
N LEU E 92 15.64 -4.19 7.92
CA LEU E 92 15.08 -5.52 7.93
C LEU E 92 13.77 -5.49 8.70
N THR E 93 12.75 -6.13 8.12
CA THR E 93 11.46 -6.32 8.79
C THR E 93 11.65 -7.33 9.91
N GLU E 94 10.80 -7.25 10.94
CA GLU E 94 10.88 -8.21 12.04
C GLU E 94 10.51 -9.62 11.61
N GLN E 95 9.60 -9.74 10.64
CA GLN E 95 9.18 -11.04 10.13
C GLN E 95 10.30 -11.75 9.30
N SER E 96 11.34 -10.99 8.94
CA SER E 96 12.50 -11.55 8.22
C SER E 96 13.42 -12.47 9.06
N SER E 97 13.35 -12.32 10.39
CA SER E 97 14.19 -13.07 11.35
C SER E 97 14.55 -14.53 10.98
N PRO E 98 13.55 -15.42 10.86
CA PRO E 98 13.95 -16.80 10.62
C PRO E 98 14.63 -17.01 9.26
N ILE E 99 14.36 -16.14 8.28
CA ILE E 99 15.03 -16.25 6.98
C ILE E 99 16.49 -15.82 7.16
N ILE E 100 16.69 -14.80 7.97
CA ILE E 100 18.01 -14.27 8.17
C ILE E 100 18.89 -15.15 9.06
N GLU E 101 18.31 -15.66 10.15
CA GLU E 101 19.00 -16.64 10.98
C GLU E 101 19.45 -17.85 10.16
N GLN E 102 18.60 -18.31 9.24
CA GLN E 102 18.90 -19.49 8.41
C GLN E 102 19.97 -19.19 7.37
N VAL E 103 19.92 -18.01 6.77
CA VAL E 103 20.91 -17.62 5.78
C VAL E 103 22.30 -17.55 6.44
N ASP E 104 22.37 -16.86 7.57
CA ASP E 104 23.58 -16.76 8.37
C ASP E 104 24.07 -18.12 8.84
N GLY E 105 23.16 -18.94 9.36
CA GLY E 105 23.53 -20.25 9.86
C GLY E 105 24.20 -21.08 8.80
N VAL E 106 23.65 -21.04 7.59
CA VAL E 106 24.15 -21.84 6.47
C VAL E 106 25.51 -21.32 5.98
N ILE E 107 25.64 -20.01 5.83
CA ILE E 107 26.91 -19.43 5.42
C ILE E 107 28.03 -19.87 6.37
N SER E 108 27.86 -19.63 7.67
CA SER E 108 28.94 -19.84 8.64
C SER E 108 29.27 -21.30 8.92
N SER E 109 28.27 -22.18 8.94
CA SER E 109 28.49 -23.62 9.09
C SER E 109 29.08 -24.25 7.82
N THR E 110 28.72 -23.72 6.66
CA THR E 110 29.35 -24.10 5.40
C THR E 110 30.83 -23.67 5.45
N ARG E 111 31.07 -22.46 5.91
CA ARG E 111 32.43 -21.93 6.05
C ARG E 111 33.30 -22.83 6.95
N LYS E 112 32.75 -23.24 8.10
CA LYS E 112 33.51 -24.06 9.07
C LYS E 112 33.85 -25.45 8.53
N GLU E 113 32.96 -26.04 7.74
CA GLU E 113 33.26 -27.28 7.02
C GLU E 113 34.41 -27.09 6.06
N ILE E 114 34.23 -26.18 5.11
CA ILE E 114 35.20 -25.93 4.04
C ILE E 114 36.58 -25.68 4.59
N LEU E 115 36.66 -24.82 5.61
CA LEU E 115 37.92 -24.51 6.28
C LEU E 115 38.40 -25.66 7.14
N GLY E 116 37.46 -26.49 7.59
CA GLY E 116 37.81 -27.68 8.36
C GLY E 116 38.57 -28.73 7.55
N GLY E 117 38.35 -28.76 6.24
CA GLY E 117 38.93 -29.77 5.35
C GLY E 117 40.37 -29.52 4.92
N ILE E 118 40.87 -28.32 5.17
CA ILE E 118 42.25 -28.00 4.81
C ILE E 118 43.01 -27.70 6.10
N SER E 119 44.32 -27.47 6.00
CA SER E 119 45.08 -27.23 7.21
C SER E 119 45.06 -25.75 7.59
N SER E 120 45.38 -25.50 8.85
CA SER E 120 45.31 -24.14 9.36
C SER E 120 46.42 -23.32 8.72
N ASP E 121 47.56 -23.94 8.44
CA ASP E 121 48.63 -23.28 7.69
C ASP E 121 48.15 -22.89 6.31
N GLU E 122 47.44 -23.81 5.64
CA GLU E 122 46.87 -23.51 4.33
C GLU E 122 45.88 -22.34 4.39
N ILE E 123 45.06 -22.31 5.43
CA ILE E 123 44.10 -21.21 5.60
C ILE E 123 44.80 -19.88 5.78
N ALA E 124 45.90 -19.91 6.52
CA ALA E 124 46.64 -18.69 6.85
C ALA E 124 47.34 -18.11 5.61
N VAL E 125 47.83 -19.02 4.77
CA VAL E 125 48.56 -18.63 3.57
C VAL E 125 47.58 -18.07 2.53
N LEU E 126 46.53 -18.85 2.23
CA LEU E 126 45.46 -18.40 1.36
C LEU E 126 44.96 -17.00 1.77
N SER E 127 44.76 -16.82 3.07
CA SER E 127 44.33 -15.53 3.60
C SER E 127 45.38 -14.42 3.38
N GLY E 128 46.64 -14.73 3.64
CA GLY E 128 47.74 -13.81 3.37
C GLY E 128 47.85 -13.38 1.92
N LEU E 129 47.94 -14.35 1.02
CA LEU E 129 48.08 -14.10 -0.42
C LEU E 129 46.92 -13.33 -1.08
N ILE E 130 45.68 -13.55 -0.61
CA ILE E 130 44.51 -12.81 -1.12
C ILE E 130 44.65 -11.34 -0.77
N ASP E 131 45.17 -11.10 0.43
CA ASP E 131 45.38 -9.77 0.96
C ASP E 131 46.42 -9.01 0.13
N LYS E 132 47.56 -9.67 -0.10
CA LYS E 132 48.62 -9.13 -0.95
C LYS E 132 48.07 -8.75 -2.32
N LEU E 133 47.32 -9.69 -2.94
CA LEU E 133 46.74 -9.46 -4.26
C LEU E 133 45.80 -8.29 -4.24
N GLU E 134 45.00 -8.18 -3.17
CA GLU E 134 44.05 -7.08 -3.05
C GLU E 134 44.75 -5.71 -2.88
N LYS E 135 45.69 -5.62 -1.94
CA LYS E 135 46.42 -4.37 -1.71
C LYS E 135 47.10 -3.92 -3.00
N ASN E 136 47.65 -4.88 -3.73
CA ASN E 136 48.20 -4.62 -5.06
C ASN E 136 47.17 -3.95 -5.97
N ILE E 137 45.97 -4.53 -6.03
CA ILE E 137 44.90 -4.02 -6.88
C ILE E 137 44.45 -2.64 -6.45
N ILE E 138 44.29 -2.44 -5.14
CA ILE E 138 43.96 -1.12 -4.57
C ILE E 138 44.97 -0.06 -5.01
N GLN E 139 46.26 -0.42 -5.05
CA GLN E 139 47.29 0.52 -5.46
C GLN E 139 47.28 0.79 -6.97
N LEU E 140 46.63 -0.08 -7.73
CA LEU E 140 46.39 0.19 -9.15
C LEU E 140 45.12 1.04 -9.35
N GLN E 141 45.12 2.23 -8.73
CA GLN E 141 44.03 3.20 -8.90
C GLN E 141 44.54 4.63 -8.82
N SER F 3 36.15 -17.00 10.20
CA SER F 3 36.75 -16.13 9.14
C SER F 3 35.70 -15.35 8.31
N THR F 4 36.19 -14.41 7.50
CA THR F 4 35.38 -13.79 6.47
C THR F 4 36.09 -14.09 5.16
N LEU F 5 36.77 -15.24 5.14
CA LEU F 5 37.58 -15.68 4.01
C LEU F 5 36.79 -15.85 2.72
N GLY F 6 35.58 -16.39 2.82
CA GLY F 6 34.66 -16.44 1.68
C GLY F 6 34.41 -15.08 1.05
N SER F 7 33.95 -14.12 1.86
CA SER F 7 33.76 -12.74 1.41
C SER F 7 35.04 -12.07 0.92
N ASP F 8 36.17 -12.48 1.49
CA ASP F 8 37.44 -11.92 1.06
C ASP F 8 37.78 -12.37 -0.35
N LEU F 9 37.62 -13.67 -0.63
CA LEU F 9 37.71 -14.21 -1.99
C LEU F 9 36.80 -13.50 -2.98
N ALA F 10 35.52 -13.35 -2.63
CA ALA F 10 34.54 -12.70 -3.50
C ALA F 10 34.91 -11.25 -3.79
N ARG F 11 35.38 -10.52 -2.78
CA ARG F 11 35.81 -9.13 -2.97
C ARG F 11 37.05 -9.08 -3.91
N LEU F 12 38.00 -9.98 -3.69
CA LEU F 12 39.17 -10.06 -4.56
C LEU F 12 38.74 -10.18 -6.03
N VAL F 13 37.82 -11.12 -6.31
CA VAL F 13 37.29 -11.30 -7.66
C VAL F 13 36.62 -10.02 -8.20
N ARG F 14 35.70 -9.45 -7.44
CA ARG F 14 34.97 -8.29 -7.97
C ARG F 14 35.84 -7.05 -8.18
N VAL F 15 36.77 -6.79 -7.25
CA VAL F 15 37.70 -5.67 -7.33
C VAL F 15 38.70 -5.86 -8.49
N TRP F 16 39.03 -7.12 -8.78
CA TRP F 16 39.87 -7.48 -9.91
C TRP F 16 39.14 -7.17 -11.19
N ARG F 17 37.94 -7.72 -11.33
CA ARG F 17 37.07 -7.43 -12.49
C ARG F 17 36.75 -5.95 -12.65
N ALA F 18 36.77 -5.21 -11.55
CA ALA F 18 36.52 -3.76 -11.57
C ALA F 18 37.67 -2.98 -12.20
N LEU F 19 38.91 -3.45 -12.02
CA LEU F 19 40.07 -2.83 -12.66
C LEU F 19 40.06 -3.02 -14.18
N ILE F 20 39.65 -4.21 -14.63
CA ILE F 20 39.47 -4.49 -16.05
C ILE F 20 38.37 -3.60 -16.60
N ASP F 21 37.29 -3.47 -15.83
CA ASP F 21 36.14 -2.65 -16.18
C ASP F 21 36.54 -1.19 -16.46
N HIS F 22 37.50 -0.69 -15.67
CA HIS F 22 37.96 0.69 -15.79
C HIS F 22 38.85 0.91 -16.98
N ARG F 23 39.48 -0.17 -17.46
CA ARG F 23 40.33 -0.10 -18.64
C ARG F 23 39.52 -0.33 -19.93
N LEU F 24 38.26 -0.70 -19.77
CA LEU F 24 37.35 -0.86 -20.92
C LEU F 24 36.22 0.17 -20.89
N LYS F 25 36.52 1.34 -20.33
CA LYS F 25 35.64 2.52 -20.41
C LYS F 25 35.50 3.04 -21.85
N PRO F 26 36.61 3.05 -22.63
CA PRO F 26 36.50 3.49 -24.04
C PRO F 26 35.57 2.61 -24.89
N LEU F 27 35.50 1.30 -24.56
CA LEU F 27 34.72 0.34 -25.33
C LEU F 27 33.22 0.38 -25.04
N GLU F 28 32.85 0.99 -23.91
CA GLU F 28 31.45 1.23 -23.51
C GLU F 28 30.64 -0.07 -23.30
N LEU F 29 31.21 -0.98 -22.52
CA LEU F 29 30.57 -2.27 -22.22
C LEU F 29 30.45 -2.46 -20.71
N THR F 30 29.35 -3.08 -20.28
CA THR F 30 29.17 -3.42 -18.85
C THR F 30 30.03 -4.65 -18.51
N GLN F 31 30.26 -4.88 -17.23
CA GLN F 31 31.08 -6.02 -16.80
C GLN F 31 30.60 -7.33 -17.42
N THR F 32 29.29 -7.58 -17.34
CA THR F 32 28.69 -8.79 -17.90
C THR F 32 28.94 -8.93 -19.41
N HIS F 33 29.01 -7.80 -20.12
CA HIS F 33 29.30 -7.77 -21.57
C HIS F 33 30.64 -8.35 -21.94
N TRP F 34 31.72 -7.76 -21.42
CA TRP F 34 33.08 -8.19 -21.78
C TRP F 34 33.47 -9.53 -21.21
N VAL F 35 32.84 -9.91 -20.09
CA VAL F 35 33.03 -11.24 -19.51
C VAL F 35 32.53 -12.29 -20.51
N THR F 36 31.37 -12.01 -21.10
CA THR F 36 30.73 -12.88 -22.09
C THR F 36 31.59 -13.00 -23.35
N LEU F 37 31.85 -11.87 -24.00
CA LEU F 37 32.61 -11.83 -25.25
C LEU F 37 33.97 -12.51 -25.17
N TYR F 38 34.51 -12.63 -23.96
CA TYR F 38 35.77 -13.32 -23.69
C TYR F 38 35.58 -14.84 -23.71
N ASN F 39 34.58 -15.31 -22.95
CA ASN F 39 34.31 -16.74 -22.81
C ASN F 39 33.94 -17.43 -24.13
N ILE F 40 33.14 -16.75 -24.94
CA ILE F 40 32.77 -17.20 -26.28
C ILE F 40 34.00 -17.46 -27.15
N ASN F 41 34.92 -16.50 -27.16
CA ASN F 41 36.16 -16.61 -27.93
C ASN F 41 37.00 -17.81 -27.53
N ARG F 42 37.11 -18.03 -26.22
CA ARG F 42 37.94 -19.10 -25.66
C ARG F 42 37.33 -20.48 -25.94
N LEU F 43 36.01 -20.55 -25.96
CA LEU F 43 35.27 -21.78 -26.25
C LEU F 43 35.24 -22.14 -27.75
N PRO F 44 34.95 -23.42 -28.08
CA PRO F 44 34.50 -23.76 -29.45
C PRO F 44 33.00 -23.46 -29.63
N PRO F 45 32.62 -22.89 -30.79
CA PRO F 45 31.22 -22.52 -31.03
C PRO F 45 30.29 -23.72 -31.17
N LEU F 52 26.19 -24.68 -23.20
CA LEU F 52 26.24 -23.40 -23.87
C LEU F 52 26.59 -22.29 -22.85
N ALA F 53 25.66 -22.02 -21.94
CA ALA F 53 25.83 -20.96 -20.93
C ALA F 53 26.64 -21.45 -19.74
N LYS F 54 26.67 -22.76 -19.57
CA LYS F 54 27.14 -23.39 -18.34
C LYS F 54 28.67 -23.52 -18.28
N ALA F 55 29.36 -22.59 -18.93
CA ALA F 55 30.81 -22.48 -18.88
C ALA F 55 31.21 -21.11 -18.34
N ILE F 56 30.25 -20.20 -18.36
CA ILE F 56 30.37 -18.85 -17.82
C ILE F 56 29.84 -18.89 -16.39
N GLY F 57 28.95 -19.85 -16.12
CA GLY F 57 28.38 -20.06 -14.81
C GLY F 57 27.19 -19.16 -14.52
N ILE F 58 26.49 -18.75 -15.58
CA ILE F 58 25.36 -17.84 -15.46
C ILE F 58 24.02 -18.55 -15.73
N GLU F 59 22.96 -18.06 -15.07
CA GLU F 59 21.58 -18.53 -15.26
C GLU F 59 21.18 -18.56 -16.74
N GLN F 60 20.50 -19.64 -17.13
CA GLN F 60 20.20 -19.89 -18.56
C GLN F 60 19.39 -18.77 -19.24
N PRO F 61 18.20 -18.40 -18.70
CA PRO F 61 17.46 -17.31 -19.33
C PRO F 61 18.18 -15.96 -19.25
N SER F 62 19.13 -15.85 -18.31
CA SER F 62 19.94 -14.65 -18.18
C SER F 62 20.97 -14.51 -19.31
N LEU F 63 21.56 -15.62 -19.75
CA LEU F 63 22.49 -15.60 -20.89
C LEU F 63 21.75 -15.23 -22.17
N VAL F 64 20.56 -15.79 -22.34
CA VAL F 64 19.70 -15.53 -23.51
C VAL F 64 19.51 -14.02 -23.70
N ARG F 65 19.27 -13.31 -22.60
CA ARG F 65 19.01 -11.87 -22.64
C ARG F 65 20.27 -11.05 -22.96
N THR F 66 21.41 -11.51 -22.48
CA THR F 66 22.69 -10.83 -22.66
C THR F 66 23.15 -10.91 -24.12
N LEU F 67 22.99 -12.09 -24.72
CA LEU F 67 23.44 -12.33 -26.10
C LEU F 67 22.63 -11.57 -27.15
N ASP F 68 21.40 -11.19 -26.80
CA ASP F 68 20.53 -10.44 -27.71
C ASP F 68 20.78 -8.93 -27.74
N GLN F 69 21.58 -8.44 -26.80
CA GLN F 69 22.12 -7.09 -26.86
C GLN F 69 23.38 -7.10 -27.72
N LEU F 70 24.01 -8.27 -27.80
CA LEU F 70 25.18 -8.50 -28.64
C LEU F 70 24.77 -8.84 -30.08
N GLU F 71 23.48 -9.14 -30.24
CA GLU F 71 22.87 -9.38 -31.55
C GLU F 71 23.00 -8.14 -32.43
N GLU F 72 22.26 -7.07 -32.10
CA GLU F 72 22.16 -5.89 -32.96
C GLU F 72 23.41 -4.99 -32.89
N LYS F 73 24.53 -5.62 -32.57
CA LYS F 73 25.84 -4.96 -32.58
C LYS F 73 26.86 -5.84 -33.31
N GLY F 74 26.67 -7.15 -33.24
CA GLY F 74 27.60 -8.13 -33.82
C GLY F 74 28.42 -8.84 -32.76
N GLU F 94 31.92 -11.30 -36.12
CA GLU F 94 32.67 -10.75 -37.25
C GLU F 94 33.34 -9.41 -36.91
N GLN F 95 32.62 -8.54 -36.21
CA GLN F 95 33.16 -7.27 -35.73
C GLN F 95 33.96 -7.49 -34.44
N SER F 96 34.20 -8.76 -34.13
CA SER F 96 34.93 -9.17 -32.94
C SER F 96 36.41 -8.79 -33.01
N SER F 97 37.06 -9.14 -34.11
CA SER F 97 38.51 -8.95 -34.31
C SER F 97 39.12 -7.63 -33.79
N PRO F 98 38.47 -6.47 -34.03
CA PRO F 98 39.02 -5.23 -33.46
C PRO F 98 38.98 -5.18 -31.93
N ILE F 99 37.92 -5.71 -31.34
CA ILE F 99 37.67 -5.56 -29.90
C ILE F 99 38.12 -6.80 -29.10
N ILE F 100 38.08 -7.97 -29.75
CA ILE F 100 38.50 -9.23 -29.13
C ILE F 100 39.98 -9.20 -28.71
N GLU F 101 40.79 -8.49 -29.51
CA GLU F 101 42.21 -8.29 -29.22
C GLU F 101 42.40 -7.32 -28.05
N GLN F 102 41.59 -6.26 -28.04
CA GLN F 102 41.65 -5.20 -27.04
C GLN F 102 41.39 -5.74 -25.64
N VAL F 103 40.34 -6.54 -25.51
CA VAL F 103 39.96 -7.13 -24.23
C VAL F 103 41.00 -8.17 -23.75
N ASP F 104 41.33 -9.13 -24.62
CA ASP F 104 42.38 -10.11 -24.30
C ASP F 104 43.67 -9.46 -23.82
N GLY F 105 44.07 -8.38 -24.51
CA GLY F 105 45.28 -7.61 -24.17
C GLY F 105 45.21 -7.04 -22.76
N VAL F 106 44.12 -6.34 -22.47
CA VAL F 106 43.86 -5.80 -21.14
C VAL F 106 43.93 -6.88 -20.07
N ILE F 107 43.19 -7.98 -20.29
CA ILE F 107 43.17 -9.10 -19.33
C ILE F 107 44.58 -9.64 -19.07
N SER F 108 45.37 -9.79 -20.13
CA SER F 108 46.77 -10.21 -20.02
C SER F 108 47.63 -9.23 -19.25
N SER F 109 47.55 -7.95 -19.65
CA SER F 109 48.27 -6.86 -19.00
C SER F 109 47.98 -6.85 -17.49
N THR F 110 46.70 -6.79 -17.18
CA THR F 110 46.20 -6.64 -15.82
C THR F 110 46.61 -7.82 -14.94
N ARG F 111 46.44 -9.04 -15.46
CA ARG F 111 46.84 -10.22 -14.72
C ARG F 111 48.33 -10.17 -14.40
N LYS F 112 49.13 -9.75 -15.37
CA LYS F 112 50.58 -9.68 -15.18
C LYS F 112 50.97 -8.67 -14.11
N GLU F 113 50.32 -7.50 -14.12
CA GLU F 113 50.63 -6.47 -13.13
C GLU F 113 50.20 -6.88 -11.72
N ILE F 114 48.94 -7.29 -11.56
CA ILE F 114 48.40 -7.74 -10.27
C ILE F 114 49.26 -8.84 -9.63
N LEU F 115 49.68 -9.81 -10.44
CA LEU F 115 50.48 -10.94 -9.95
C LEU F 115 51.92 -10.58 -9.61
N GLY F 116 52.37 -9.42 -10.07
CA GLY F 116 53.74 -8.96 -9.83
C GLY F 116 54.11 -8.86 -8.37
N GLY F 117 53.13 -8.51 -7.54
CA GLY F 117 53.35 -8.38 -6.10
C GLY F 117 53.43 -9.68 -5.31
N ILE F 118 53.41 -10.82 -6.01
CA ILE F 118 53.65 -12.13 -5.40
C ILE F 118 54.64 -12.97 -6.21
N SER F 119 55.44 -13.78 -5.53
CA SER F 119 56.46 -14.60 -6.19
C SER F 119 55.83 -15.80 -6.90
N SER F 120 56.58 -16.37 -7.85
CA SER F 120 56.13 -17.53 -8.63
C SER F 120 55.73 -18.71 -7.74
N ASP F 121 56.51 -18.96 -6.69
CA ASP F 121 56.23 -20.02 -5.71
C ASP F 121 54.90 -19.81 -4.96
N GLU F 122 54.59 -18.55 -4.68
CA GLU F 122 53.38 -18.20 -3.96
C GLU F 122 52.12 -18.45 -4.81
N ILE F 123 52.21 -18.16 -6.11
CA ILE F 123 51.10 -18.44 -7.03
C ILE F 123 50.88 -19.97 -7.16
N ALA F 124 51.97 -20.72 -7.20
CA ALA F 124 51.90 -22.18 -7.29
C ALA F 124 51.17 -22.74 -6.06
N VAL F 125 51.53 -22.25 -4.88
CA VAL F 125 50.88 -22.63 -3.63
C VAL F 125 49.39 -22.25 -3.69
N LEU F 126 49.12 -21.02 -4.13
CA LEU F 126 47.78 -20.52 -4.23
C LEU F 126 46.89 -21.35 -5.18
N SER F 127 47.41 -21.63 -6.38
CA SER F 127 46.74 -22.53 -7.34
C SER F 127 46.40 -23.88 -6.73
N GLY F 128 47.37 -24.47 -6.03
CA GLY F 128 47.17 -25.74 -5.35
C GLY F 128 46.03 -25.68 -4.34
N LEU F 129 45.92 -24.57 -3.61
CA LEU F 129 44.86 -24.45 -2.61
C LEU F 129 43.47 -24.21 -3.20
N ILE F 130 43.36 -23.35 -4.21
CA ILE F 130 42.12 -23.13 -4.95
C ILE F 130 41.56 -24.44 -5.49
N ASP F 131 42.44 -25.21 -6.12
CA ASP F 131 42.09 -26.53 -6.61
C ASP F 131 41.51 -27.44 -5.56
N LYS F 132 42.20 -27.53 -4.43
CA LYS F 132 41.82 -28.43 -3.35
C LYS F 132 40.52 -28.04 -2.70
N LEU F 133 40.33 -26.73 -2.51
CA LEU F 133 39.07 -26.23 -1.98
C LEU F 133 37.95 -26.49 -2.98
N GLU F 134 38.22 -26.26 -4.26
CA GLU F 134 37.24 -26.54 -5.29
C GLU F 134 36.82 -28.01 -5.23
N LYS F 135 37.81 -28.89 -5.16
CA LYS F 135 37.54 -30.33 -5.02
C LYS F 135 36.70 -30.62 -3.77
N ASN F 136 37.13 -30.08 -2.63
CA ASN F 136 36.44 -30.33 -1.37
C ASN F 136 34.99 -29.88 -1.44
N ILE F 137 34.76 -28.75 -2.11
CA ILE F 137 33.40 -28.19 -2.22
C ILE F 137 32.46 -29.10 -3.03
N ILE F 138 32.94 -29.59 -4.17
CA ILE F 138 32.17 -30.49 -5.03
C ILE F 138 31.81 -31.76 -4.26
N GLN F 139 32.79 -32.30 -3.54
CA GLN F 139 32.57 -33.49 -2.71
C GLN F 139 31.51 -33.22 -1.65
N LEU F 140 31.53 -32.01 -1.08
CA LEU F 140 30.54 -31.62 -0.08
C LEU F 140 29.12 -31.48 -0.62
N GLN F 141 29.00 -31.26 -1.93
CA GLN F 141 27.68 -31.18 -2.55
C GLN F 141 27.07 -32.56 -2.87
N THR F 142 27.94 -33.57 -3.06
CA THR F 142 27.52 -34.93 -3.41
C THR F 142 26.49 -35.51 -2.44
#